data_9DYE
#
_entry.id   9DYE
#
loop_
_entity.id
_entity.type
_entity.pdbx_description
1 polymer 'Guanine nucleotide-binding protein G(o) subunit alpha'
2 polymer 'Guanine nucleotide-binding protein G(I)/G(S)/G(T) subunit beta-1'
3 polymer 'Guanine nucleotide-binding protein G(I)/G(S)/G(O) subunit gamma-2'
4 polymer 'Soluble cytochrome b562,5-hydroxytryptamine receptor 1A'
5 non-polymer Buspirone
6 non-polymer CHOLESTEROL
7 non-polymer '[(2R)-1-[oxidanyl-[(2R,3R,5S,6R)-2,3,5,6-tetrakis(oxidanyl)-4-phosphonooxy-cyclohexyl]oxy-phosphoryl]oxy-3-tetradecanoyloxy-propan-2-yl] (5E,8E)-hexadeca-5,8,11,14-tetraenoate'
#
loop_
_entity_poly.entity_id
_entity_poly.type
_entity_poly.pdbx_seq_one_letter_code
_entity_poly.pdbx_strand_id
1 'polypeptide(L)'
;MGCTLSAEERAALERSKAIEKNLKEDGISAAKDVKLLLLGAGESGKSTIVKQMKIIHEDGFSGEDVKQYKPVVYSNTIQS
LAAIVRAMDTLGIEYGDKERKADAKMVCDVVSRMEDTEPFSAELLSAMMRLWGDSGIQECFNRSREYQLNDSAKYYLDSL
DRIGAADYQPTEQDILRTRVKTTGIVETHFTFKNLHFRLFDVGGQRSERKKWIHCFEDVTAIIFCVALSGYDQVLHEDET
TNRMHESLMLFDSICNNKFFIDTSIILFLNKKDLFGEKIKKSPLTICFPEYTGPNTYEDAAAYIQAQFESKNRSPNKEIY
CHMTCATDTNNIQVVFDAVTDIIIANNLRGCGLY
;
A
2 'polypeptide(L)'
;MHHHHHHLEVLFQGPGSSGSELDQLRQEAEQLKNQIRDARKACADATLSQITNNIDPVGRIQMRTRRTLRGHLAKIYAMH
WGTDSRLLVSASQDGKLIIWDSYTTNKVHAIPLRSSWVMTCAYAPSGNYVACGGLDNICSIYNLKTREGNVRVSRELAGH
TGYLSCCRFLDDNQIVTSSGDTTCALWDIETGQQTTTFTGHTGDVMSLSLAPDTRLFVSGACDASAKLWDVREGMCRQTF
TGHESDINAICFFPNGNAFATGSDDATCRLFDLRADQELMTYSHDNIICGITSVSFSKSGRLLLAGYDDFNCNVWDALKA
DRAGVLAGHDNRVSCLGVTDDGMAVATGSWDSFLKIWN
;
B
3 'polypeptide(L)' MASNNTASIAQARKLVEQLKMEANIDRIKVSKAAADLMAYCEAHAKEDPLLTPVPASENPFREKKFFCAILGSAGSAGSA G
4 'polypeptide(L)'
;MKTIIALSYIFCLVFADYKDDDDAKLQTMHHHHHHHHHHENLYFQGGTTADLEDNWETLNDNLKVIEKADNAAQVKDALT
KMRAAALDAQKATPPKLEDKSPDSPEMKDFRHGFDILVGQIDDALKLANEGKVKEAQAAAEQLKTTRNAYIQKYLTGISD
VTVSYQVITSLLLGTLIFCAVLGNACVVAAIALERSLQNVANYLIGSLAVTDLMVSVLVLPMAALYQVLNKWTLGQVTCD
LFIALDVLCCTSSIWHLCAIALDRYWAITDPIDYVNKRTPRRAAALISLTWLIGFLISIPPMLGWRTPEDRSDPDACTIS
KDHGYTIYSTFGAFYIPLLLMLVLYGRIFRAARFRIRKTVKKVEKTGADTRHGASPAPQPKKSVNGESGSRNWRLGVESK
AGGALCANGAVRQGDDGAALEVIEVHRVGNSKEHLPLPSEAGPTPCAPASFERKNERNAEAKRKMALARERKTVKTLGII
MGTFILCWLPFFIVALVLPFCESSCHMPTLLGAIINWLGYSNSLLNPVIYAYFNKDFQNAFKKIIKCKFCRQ
;
R
#
# COMPACT_ATOMS: atom_id res chain seq x y z
N LEU A 5 -12.88 -16.15 30.16
CA LEU A 5 -12.50 -17.59 30.22
C LEU A 5 -13.77 -18.45 30.21
N SER A 6 -14.95 -17.84 30.02
CA SER A 6 -16.22 -18.58 29.89
C SER A 6 -16.12 -19.60 28.74
N ALA A 7 -16.82 -20.73 28.88
CA ALA A 7 -16.84 -21.78 27.84
C ALA A 7 -17.15 -21.16 26.47
N GLU A 8 -18.23 -20.37 26.40
CA GLU A 8 -18.68 -19.74 25.13
C GLU A 8 -17.55 -18.90 24.54
N GLU A 9 -16.88 -18.10 25.37
CA GLU A 9 -15.91 -17.09 24.86
C GLU A 9 -14.59 -17.78 24.44
N ARG A 10 -14.28 -18.94 25.05
CA ARG A 10 -13.12 -19.74 24.61
C ARG A 10 -13.42 -20.40 23.24
N ALA A 11 -14.64 -20.92 23.08
CA ALA A 11 -15.07 -21.47 21.77
C ALA A 11 -14.92 -20.40 20.69
N ALA A 12 -15.23 -19.14 21.01
CA ALA A 12 -15.14 -18.03 20.03
C ALA A 12 -13.68 -17.81 19.62
N LEU A 13 -12.76 -17.79 20.59
CA LEU A 13 -11.32 -17.52 20.30
C LEU A 13 -10.74 -18.65 19.46
N GLU A 14 -11.22 -19.89 19.66
CA GLU A 14 -10.75 -21.05 18.87
C GLU A 14 -11.16 -20.90 17.40
N ARG A 15 -12.43 -20.53 17.16
CA ARG A 15 -12.93 -20.28 15.82
C ARG A 15 -12.18 -19.13 15.15
N SER A 16 -11.80 -18.12 15.94
CA SER A 16 -11.04 -17.00 15.38
C SER A 16 -9.63 -17.42 15.00
N LYS A 17 -9.00 -18.26 15.82
CA LYS A 17 -7.65 -18.72 15.52
C LYS A 17 -7.62 -19.61 14.28
N ALA A 18 -8.66 -20.42 14.08
CA ALA A 18 -8.75 -21.23 12.87
C ALA A 18 -8.88 -20.34 11.64
N ILE A 19 -9.63 -19.24 11.76
CA ILE A 19 -9.80 -18.33 10.63
C ILE A 19 -8.47 -17.64 10.31
N GLU A 20 -7.74 -17.20 11.33
CA GLU A 20 -6.47 -16.51 11.09
C GLU A 20 -5.45 -17.42 10.43
N LYS A 21 -5.58 -18.74 10.60
CA LYS A 21 -4.62 -19.67 10.01
C LYS A 21 -4.82 -19.78 8.51
N ASN A 22 -6.08 -19.80 8.06
CA ASN A 22 -6.34 -19.91 6.63
C ASN A 22 -6.02 -18.61 5.91
N LEU A 23 -6.17 -17.48 6.59
CA LEU A 23 -5.83 -16.20 5.98
C LEU A 23 -4.32 -16.09 5.74
N LYS A 24 -3.52 -16.63 6.66
CA LYS A 24 -2.07 -16.59 6.51
C LYS A 24 -1.61 -17.47 5.35
N GLU A 25 -2.19 -18.67 5.24
CA GLU A 25 -1.79 -19.60 4.18
C GLU A 25 -2.15 -19.04 2.80
N ASP A 26 -3.33 -18.43 2.68
CA ASP A 26 -3.75 -17.88 1.40
C ASP A 26 -2.88 -16.70 0.99
N GLY A 27 -2.43 -15.91 1.96
CA GLY A 27 -1.57 -14.78 1.64
C GLY A 27 -0.17 -15.17 1.21
N ILE A 28 0.32 -16.33 1.63
CA ILE A 28 1.64 -16.78 1.21
C ILE A 28 1.64 -17.15 -0.27
N SER A 29 0.63 -17.90 -0.71
CA SER A 29 0.57 -18.34 -2.09
C SER A 29 0.07 -17.24 -3.03
N ALA A 30 -0.43 -16.13 -2.48
CA ALA A 30 -0.93 -15.02 -3.29
C ALA A 30 0.15 -13.97 -3.56
N ALA A 31 1.39 -14.24 -3.14
CA ALA A 31 2.51 -13.35 -3.40
C ALA A 31 3.57 -13.99 -4.29
N LYS A 32 3.33 -15.21 -4.75
CA LYS A 32 4.26 -15.92 -5.63
C LYS A 32 3.92 -15.75 -7.11
N ASP A 33 2.87 -15.00 -7.44
CA ASP A 33 2.43 -14.84 -8.81
C ASP A 33 2.79 -13.45 -9.32
N VAL A 34 3.02 -13.35 -10.62
CA VAL A 34 3.34 -12.08 -11.27
C VAL A 34 2.05 -11.54 -11.88
N LYS A 35 1.62 -10.36 -11.40
CA LYS A 35 0.40 -9.68 -11.89
C LYS A 35 0.82 -8.84 -13.10
N LEU A 36 0.05 -8.84 -14.19
CA LEU A 36 0.25 -7.97 -15.34
C LEU A 36 -1.07 -7.35 -15.74
N LEU A 37 -0.99 -6.11 -16.23
CA LEU A 37 -2.16 -5.37 -16.70
C LEU A 37 -2.08 -5.25 -18.21
N LEU A 38 -3.09 -5.74 -18.91
CA LEU A 38 -3.13 -5.72 -20.36
C LEU A 38 -3.98 -4.54 -20.83
N LEU A 39 -3.36 -3.63 -21.56
CA LEU A 39 -4.01 -2.41 -22.03
C LEU A 39 -3.99 -2.38 -23.55
N GLY A 40 -4.38 -1.24 -24.11
CA GLY A 40 -4.44 -1.05 -25.58
C GLY A 40 -5.87 -0.88 -26.06
N ALA A 41 -6.03 -0.56 -27.36
CA ALA A 41 -7.37 -0.35 -27.96
C ALA A 41 -8.14 -1.67 -27.99
N GLY A 42 -9.47 -1.60 -27.91
CA GLY A 42 -10.35 -2.78 -28.04
C GLY A 42 -9.93 -3.64 -29.22
N GLU A 43 -9.87 -3.05 -30.41
CA GLU A 43 -9.22 -3.70 -31.58
C GLU A 43 -7.82 -3.14 -31.76
N SER A 44 -6.81 -3.84 -31.22
CA SER A 44 -5.38 -3.52 -31.47
C SER A 44 -4.58 -4.81 -31.57
N GLY A 45 -5.25 -5.97 -31.59
CA GLY A 45 -4.57 -7.25 -31.61
C GLY A 45 -4.43 -7.94 -30.28
N LYS A 46 -5.15 -7.49 -29.25
CA LYS A 46 -5.04 -8.14 -27.94
C LYS A 46 -5.54 -9.58 -27.99
N SER A 47 -6.48 -9.87 -28.88
CA SER A 47 -7.07 -11.22 -28.94
C SER A 47 -6.03 -12.27 -29.28
N THR A 48 -5.16 -11.98 -30.25
CA THR A 48 -4.14 -12.95 -30.65
C THR A 48 -3.17 -13.22 -29.51
N ILE A 49 -2.73 -12.17 -28.81
CA ILE A 49 -1.78 -12.35 -27.71
C ILE A 49 -2.43 -13.15 -26.57
N VAL A 50 -3.67 -12.80 -26.23
CA VAL A 50 -4.39 -13.53 -25.18
C VAL A 50 -4.54 -14.99 -25.56
N LYS A 51 -4.84 -15.25 -26.83
CA LYS A 51 -4.92 -16.64 -27.36
C LYS A 51 -3.57 -17.34 -27.16
N GLN A 52 -2.46 -16.65 -27.43
CA GLN A 52 -1.09 -17.25 -27.34
C GLN A 52 -0.82 -17.72 -25.90
N MET A 53 -1.34 -16.97 -24.92
CA MET A 53 -1.03 -17.24 -23.49
C MET A 53 -2.20 -17.96 -22.82
N LYS A 54 -3.07 -18.60 -23.62
CA LYS A 54 -4.08 -19.53 -23.08
C LYS A 54 -4.14 -20.80 -23.95
N ILE A 55 -3.12 -21.01 -24.79
CA ILE A 55 -2.95 -22.30 -25.51
C ILE A 55 -2.73 -23.42 -24.49
N THR A 183 -18.61 -9.18 -18.51
CA THR A 183 -18.29 -7.96 -19.31
C THR A 183 -17.66 -6.90 -18.40
N GLY A 184 -16.86 -7.32 -17.42
CA GLY A 184 -16.13 -6.38 -16.55
C GLY A 184 -14.64 -6.52 -16.72
N ILE A 185 -14.02 -7.32 -15.86
CA ILE A 185 -12.56 -7.63 -16.00
C ILE A 185 -12.42 -9.13 -16.29
N VAL A 186 -11.74 -9.45 -17.39
CA VAL A 186 -11.40 -10.81 -17.80
C VAL A 186 -10.02 -11.12 -17.27
N GLU A 187 -9.91 -12.24 -16.54
CA GLU A 187 -8.64 -12.74 -15.93
C GLU A 187 -8.23 -14.02 -16.68
N THR A 188 -6.95 -14.11 -17.09
CA THR A 188 -6.35 -15.35 -17.56
C THR A 188 -5.02 -15.53 -16.85
N HIS A 189 -4.69 -16.77 -16.48
CA HIS A 189 -3.47 -17.08 -15.77
C HIS A 189 -2.82 -18.32 -16.37
N PHE A 190 -1.49 -18.38 -16.27
CA PHE A 190 -0.73 -19.46 -16.88
C PHE A 190 0.60 -19.60 -16.15
N THR A 191 1.25 -20.75 -16.38
CA THR A 191 2.55 -21.04 -15.80
C THR A 191 3.56 -21.23 -16.93
N PHE A 192 4.69 -20.52 -16.83
CA PHE A 192 5.74 -20.58 -17.85
C PHE A 192 7.09 -20.58 -17.15
N LYS A 193 7.76 -21.74 -17.14
CA LYS A 193 9.07 -21.91 -16.53
C LYS A 193 9.05 -21.57 -15.05
N ASN A 194 8.20 -22.31 -14.32
CA ASN A 194 8.12 -22.22 -12.86
C ASN A 194 7.82 -20.80 -12.37
N LEU A 195 6.95 -20.09 -13.09
CA LEU A 195 6.55 -18.74 -12.70
C LEU A 195 5.09 -18.57 -13.04
N HIS A 196 4.29 -18.16 -12.06
CA HIS A 196 2.85 -17.99 -12.23
C HIS A 196 2.55 -16.56 -12.65
N PHE A 197 1.80 -16.41 -13.74
CA PHE A 197 1.45 -15.11 -14.28
C PHE A 197 -0.05 -14.86 -14.14
N ARG A 198 -0.40 -13.61 -13.86
CA ARG A 198 -1.78 -13.20 -13.66
C ARG A 198 -2.06 -12.02 -14.57
N LEU A 199 -2.86 -12.24 -15.61
CA LEU A 199 -3.12 -11.24 -16.64
C LEU A 199 -4.56 -10.74 -16.52
N PHE A 200 -4.71 -9.42 -16.47
CA PHE A 200 -6.00 -8.77 -16.33
C PHE A 200 -6.30 -7.94 -17.57
N ASP A 201 -7.44 -8.19 -18.20
CA ASP A 201 -7.88 -7.44 -19.37
C ASP A 201 -9.06 -6.57 -18.97
N VAL A 202 -8.92 -5.25 -19.18
CA VAL A 202 -9.93 -4.29 -18.78
C VAL A 202 -10.54 -3.63 -20.01
N GLY A 203 -10.55 -4.34 -21.14
CA GLY A 203 -11.09 -3.77 -22.35
C GLY A 203 -12.59 -3.65 -22.35
N GLY A 204 -13.28 -4.49 -21.59
CA GLY A 204 -14.72 -4.48 -21.52
C GLY A 204 -15.30 -3.54 -20.49
N GLN A 205 -14.45 -2.76 -19.82
CA GLN A 205 -14.90 -1.78 -18.80
C GLN A 205 -14.99 -0.39 -19.45
N ARG A 206 -16.20 -0.01 -19.90
CA ARG A 206 -16.41 1.27 -20.62
C ARG A 206 -16.90 2.32 -19.62
N SER A 207 -15.96 2.91 -18.87
CA SER A 207 -16.24 3.89 -17.83
C SER A 207 -15.08 4.88 -17.78
N GLU A 208 -15.12 5.78 -16.81
CA GLU A 208 -14.01 6.69 -16.60
C GLU A 208 -12.83 5.92 -16.04
N ARG A 209 -11.67 6.05 -16.70
CA ARG A 209 -10.50 5.27 -16.31
C ARG A 209 -9.91 5.72 -14.98
N LYS A 210 -10.16 6.98 -14.62
CA LYS A 210 -9.53 7.56 -13.40
C LYS A 210 -10.17 6.95 -12.15
N LYS A 211 -11.34 6.31 -12.29
CA LYS A 211 -12.13 5.88 -11.11
C LYS A 211 -11.83 4.42 -10.77
N TRP A 212 -10.97 3.75 -11.56
CA TRP A 212 -10.61 2.34 -11.24
C TRP A 212 -9.14 2.04 -11.59
N ILE A 213 -8.37 3.02 -12.04
CA ILE A 213 -6.99 2.73 -12.44
C ILE A 213 -6.06 2.58 -11.25
N HIS A 214 -6.47 3.02 -10.06
CA HIS A 214 -5.65 2.87 -8.87
C HIS A 214 -5.71 1.47 -8.28
N CYS A 215 -6.61 0.62 -8.77
CA CYS A 215 -6.69 -0.75 -8.29
C CYS A 215 -5.51 -1.59 -8.77
N PHE A 216 -4.83 -1.16 -9.85
CA PHE A 216 -3.69 -1.87 -10.41
C PHE A 216 -2.38 -1.17 -10.10
N GLU A 217 -2.26 -0.61 -8.91
CA GLU A 217 -1.05 0.17 -8.54
C GLU A 217 0.14 -0.79 -8.40
N ASP A 218 -0.12 -2.06 -8.05
CA ASP A 218 0.94 -2.98 -7.65
C ASP A 218 1.26 -4.02 -8.71
N VAL A 219 0.85 -3.82 -9.96
CA VAL A 219 1.17 -4.77 -11.01
C VAL A 219 2.66 -4.70 -11.33
N THR A 220 3.23 -5.85 -11.71
CA THR A 220 4.65 -5.88 -12.02
C THR A 220 4.98 -5.11 -13.29
N ALA A 221 4.15 -5.23 -14.32
CA ALA A 221 4.40 -4.57 -15.58
C ALA A 221 3.08 -4.41 -16.34
N ILE A 222 3.12 -3.55 -17.35
CA ILE A 222 1.96 -3.27 -18.20
C ILE A 222 2.29 -3.74 -19.61
N ILE A 223 1.36 -4.48 -20.21
CA ILE A 223 1.50 -4.94 -21.58
C ILE A 223 0.61 -4.07 -22.46
N PHE A 224 1.20 -3.45 -23.48
CA PHE A 224 0.48 -2.55 -24.37
C PHE A 224 0.56 -3.09 -25.79
N CYS A 225 -0.59 -3.11 -26.47
CA CYS A 225 -0.67 -3.60 -27.84
C CYS A 225 -1.03 -2.45 -28.77
N VAL A 226 -0.28 -2.33 -29.88
CA VAL A 226 -0.50 -1.26 -30.89
C VAL A 226 -0.65 -1.92 -32.27
N ALA A 227 -1.63 -1.48 -33.06
CA ALA A 227 -1.79 -1.98 -34.45
C ALA A 227 -1.00 -1.08 -35.41
N LEU A 228 0.05 -1.60 -36.04
CA LEU A 228 0.88 -0.79 -36.97
C LEU A 228 0.08 -0.51 -38.24
N SER A 229 -0.74 -1.46 -38.68
CA SER A 229 -1.54 -1.32 -39.93
C SER A 229 -2.47 -0.11 -39.82
N GLY A 230 -2.89 0.25 -38.61
CA GLY A 230 -3.90 1.30 -38.40
C GLY A 230 -3.30 2.69 -38.32
N TYR A 231 -2.23 2.94 -39.06
CA TYR A 231 -1.79 4.33 -39.38
C TYR A 231 -2.71 4.89 -40.47
N ASP A 232 -3.38 4.00 -41.21
CA ASP A 232 -4.23 4.39 -42.36
C ASP A 232 -5.70 4.38 -41.94
N GLN A 233 -6.17 3.30 -41.31
CA GLN A 233 -7.59 3.22 -40.99
C GLN A 233 -7.98 4.30 -39.99
N ASN A 242 -7.27 9.01 -36.72
CA ASN A 242 -6.41 7.81 -36.95
C ASN A 242 -6.40 6.95 -35.68
N ARG A 243 -6.54 5.63 -35.84
CA ARG A 243 -6.43 4.69 -34.69
C ARG A 243 -5.09 4.90 -33.97
N MET A 244 -4.01 5.16 -34.73
CA MET A 244 -2.67 5.27 -34.12
C MET A 244 -2.59 6.52 -33.25
N HIS A 245 -3.23 7.62 -33.66
CA HIS A 245 -3.23 8.85 -32.81
C HIS A 245 -3.93 8.56 -31.48
N GLU A 246 -5.06 7.84 -31.52
CA GLU A 246 -5.76 7.42 -30.28
C GLU A 246 -4.79 6.59 -29.41
N SER A 247 -4.12 5.60 -30.00
CA SER A 247 -3.19 4.72 -29.24
C SER A 247 -2.07 5.54 -28.61
N LEU A 248 -1.47 6.46 -29.37
CA LEU A 248 -0.40 7.35 -28.86
C LEU A 248 -0.91 8.13 -27.65
N MET A 249 -2.15 8.65 -27.73
CA MET A 249 -2.73 9.44 -26.62
C MET A 249 -2.90 8.55 -25.38
N LEU A 250 -3.43 7.35 -25.54
CA LEU A 250 -3.61 6.42 -24.40
C LEU A 250 -2.24 6.10 -23.80
N PHE A 251 -1.22 5.91 -24.63
CA PHE A 251 0.12 5.56 -24.13
C PHE A 251 0.66 6.66 -23.21
N ASP A 252 0.46 7.93 -23.60
CA ASP A 252 0.99 9.02 -22.80
C ASP A 252 0.31 9.10 -21.43
N SER A 253 -0.99 8.82 -21.38
CA SER A 253 -1.72 8.96 -20.12
C SER A 253 -1.28 7.90 -19.11
N ILE A 254 -1.19 6.64 -19.55
CA ILE A 254 -0.90 5.56 -18.60
C ILE A 254 0.55 5.65 -18.12
N CYS A 255 1.43 6.19 -18.95
CA CYS A 255 2.89 6.22 -18.63
C CYS A 255 3.24 7.48 -17.84
N ASN A 256 2.25 8.30 -17.50
CA ASN A 256 2.48 9.53 -16.70
C ASN A 256 1.54 9.57 -15.49
N ASN A 257 0.74 8.52 -15.29
CA ASN A 257 -0.14 8.43 -14.08
C ASN A 257 0.74 8.38 -12.83
N LYS A 258 0.30 9.03 -11.75
CA LYS A 258 1.04 9.07 -10.47
C LYS A 258 1.17 7.64 -9.90
N PHE A 259 0.25 6.75 -10.26
CA PHE A 259 0.30 5.37 -9.80
C PHE A 259 1.24 4.50 -10.63
N PHE A 260 1.65 4.97 -11.81
CA PHE A 260 2.51 4.19 -12.70
C PHE A 260 3.78 4.97 -13.04
N ILE A 261 4.38 5.61 -12.04
CA ILE A 261 5.60 6.37 -12.27
C ILE A 261 6.76 5.44 -12.58
N ASP A 262 6.83 4.29 -11.91
CA ASP A 262 7.95 3.38 -12.02
C ASP A 262 7.61 2.05 -12.70
N THR A 263 6.34 1.81 -13.04
CA THR A 263 5.97 0.55 -13.64
C THR A 263 6.48 0.47 -15.08
N SER A 264 7.17 -0.63 -15.40
CA SER A 264 7.70 -0.82 -16.74
C SER A 264 6.59 -1.21 -17.71
N ILE A 265 6.85 -0.98 -19.00
CA ILE A 265 5.88 -1.22 -20.06
C ILE A 265 6.49 -2.17 -21.07
N ILE A 266 5.71 -3.18 -21.47
CA ILE A 266 6.15 -4.12 -22.51
C ILE A 266 5.33 -3.87 -23.77
N LEU A 267 5.87 -3.08 -24.68
CA LEU A 267 5.14 -2.70 -25.89
C LEU A 267 5.13 -3.85 -26.89
N PHE A 268 3.99 -4.04 -27.53
CA PHE A 268 3.81 -5.08 -28.56
C PHE A 268 3.23 -4.40 -29.81
N LEU A 269 4.01 -4.36 -30.89
CA LEU A 269 3.56 -3.79 -32.15
C LEU A 269 3.05 -4.91 -33.04
N ASN A 270 1.73 -4.97 -33.21
CA ASN A 270 1.10 -6.05 -33.94
C ASN A 270 1.02 -5.74 -35.43
N LYS A 271 0.69 -6.78 -36.20
CA LYS A 271 0.42 -6.69 -37.66
C LYS A 271 1.62 -6.07 -38.38
N LYS A 272 2.81 -6.66 -38.19
CA LYS A 272 4.04 -6.18 -38.86
C LYS A 272 3.91 -6.37 -40.37
N ASP A 273 3.46 -7.55 -40.81
CA ASP A 273 3.41 -7.84 -42.24
C ASP A 273 2.40 -6.95 -42.96
N LEU A 274 1.20 -6.77 -42.39
CA LEU A 274 0.17 -5.94 -43.05
C LEU A 274 0.71 -4.52 -43.25
N PHE A 275 1.36 -3.98 -42.21
CA PHE A 275 2.06 -2.68 -42.29
C PHE A 275 2.93 -2.64 -43.55
N GLY A 276 3.73 -3.69 -43.79
CA GLY A 276 4.58 -3.80 -44.99
C GLY A 276 3.82 -3.49 -46.26
N GLU A 277 2.73 -4.22 -46.54
CA GLU A 277 1.93 -3.99 -47.76
C GLU A 277 1.45 -2.53 -47.80
N LYS A 278 0.95 -2.03 -46.67
CA LYS A 278 0.33 -0.68 -46.61
C LYS A 278 1.36 0.37 -47.05
N ILE A 279 2.56 0.37 -46.45
CA ILE A 279 3.55 1.47 -46.67
C ILE A 279 4.15 1.34 -48.08
N LYS A 280 4.06 0.15 -48.68
CA LYS A 280 4.53 -0.07 -50.07
C LYS A 280 3.83 0.92 -51.00
N LYS A 281 2.54 1.17 -50.72
CA LYS A 281 1.71 2.11 -51.52
C LYS A 281 1.57 3.42 -50.76
N SER A 282 0.63 3.47 -49.80
CA SER A 282 0.35 4.68 -48.99
C SER A 282 1.54 5.02 -48.10
N PRO A 283 2.15 6.22 -48.22
CA PRO A 283 3.30 6.61 -47.39
C PRO A 283 2.93 6.86 -45.92
N LEU A 284 3.91 6.76 -45.03
CA LEU A 284 3.70 6.98 -43.58
C LEU A 284 3.34 8.45 -43.32
N THR A 285 3.70 9.34 -44.25
CA THR A 285 3.60 10.80 -44.03
C THR A 285 2.13 11.22 -43.85
N ILE A 286 1.19 10.38 -44.30
CA ILE A 286 -0.27 10.67 -44.13
C ILE A 286 -0.60 10.75 -42.64
N CYS A 287 0.14 10.01 -41.81
CA CYS A 287 -0.07 10.00 -40.34
C CYS A 287 0.91 10.97 -39.68
N PHE A 288 2.15 11.00 -40.16
CA PHE A 288 3.21 11.80 -39.54
C PHE A 288 3.85 12.70 -40.58
N PRO A 289 3.48 13.98 -40.65
CA PRO A 289 4.13 14.88 -41.61
C PRO A 289 5.61 15.07 -41.36
N GLU A 290 6.05 14.98 -40.10
CA GLU A 290 7.45 15.20 -39.78
C GLU A 290 8.34 14.10 -40.34
N TYR A 291 7.76 12.95 -40.68
CA TYR A 291 8.55 11.82 -41.16
C TYR A 291 9.17 12.14 -42.52
N THR A 292 10.44 11.80 -42.68
CA THR A 292 11.13 11.96 -43.96
C THR A 292 12.15 10.82 -44.08
N GLY A 293 12.13 10.14 -45.22
CA GLY A 293 13.04 9.04 -45.46
C GLY A 293 12.50 8.07 -46.48
N PRO A 294 13.27 7.04 -46.80
CA PRO A 294 12.81 6.03 -47.77
C PRO A 294 11.74 5.14 -47.14
N ASN A 295 10.62 4.99 -47.85
CA ASN A 295 9.52 4.18 -47.34
C ASN A 295 9.87 2.70 -47.42
N THR A 296 10.29 2.13 -46.30
CA THR A 296 10.66 0.72 -46.23
C THR A 296 10.12 0.13 -44.95
N TYR A 297 10.09 -1.21 -44.90
CA TYR A 297 9.58 -1.89 -43.72
C TYR A 297 10.44 -1.62 -42.49
N GLU A 298 11.77 -1.57 -42.67
CA GLU A 298 12.66 -1.37 -41.55
C GLU A 298 12.62 0.07 -41.05
N ASP A 299 12.61 1.03 -41.98
CA ASP A 299 12.75 2.47 -41.60
C ASP A 299 11.43 2.96 -40.98
N ALA A 300 10.30 2.72 -41.67
CA ALA A 300 8.99 3.25 -41.22
C ALA A 300 8.63 2.69 -39.84
N ALA A 301 8.84 1.40 -39.63
CA ALA A 301 8.51 0.76 -38.33
C ALA A 301 9.37 1.35 -37.22
N ALA A 302 10.68 1.51 -37.48
CA ALA A 302 11.60 2.05 -36.46
C ALA A 302 11.18 3.47 -36.06
N TYR A 303 10.61 4.22 -37.00
CA TYR A 303 10.13 5.60 -36.72
C TYR A 303 9.01 5.55 -35.67
N ILE A 304 8.00 4.71 -35.91
CA ILE A 304 6.82 4.60 -35.01
C ILE A 304 7.29 4.14 -33.63
N GLN A 305 8.17 3.13 -33.57
CA GLN A 305 8.67 2.61 -32.28
C GLN A 305 9.27 3.76 -31.47
N ALA A 306 10.11 4.59 -32.10
CA ALA A 306 10.81 5.69 -31.39
C ALA A 306 9.80 6.74 -30.93
N GLN A 307 8.76 6.98 -31.73
CA GLN A 307 7.71 7.97 -31.37
C GLN A 307 6.98 7.50 -30.10
N PHE A 308 6.81 6.19 -29.93
CA PHE A 308 6.16 5.67 -28.71
C PHE A 308 7.12 5.75 -27.52
N GLU A 309 8.40 5.44 -27.75
CA GLU A 309 9.41 5.36 -26.65
C GLU A 309 9.68 6.76 -26.09
N SER A 310 9.45 7.81 -26.89
CA SER A 310 9.77 9.20 -26.48
C SER A 310 8.94 9.60 -25.24
N LYS A 311 7.71 9.09 -25.14
CA LYS A 311 6.74 9.55 -24.11
C LYS A 311 7.32 9.32 -22.72
N ASN A 312 8.04 8.21 -22.51
CA ASN A 312 8.66 7.89 -21.20
C ASN A 312 9.60 9.04 -20.80
N ARG A 313 9.29 9.70 -19.68
CA ARG A 313 10.16 10.78 -19.14
C ARG A 313 10.50 10.47 -17.68
N SER A 314 11.06 9.28 -17.42
CA SER A 314 11.35 8.81 -16.04
C SER A 314 12.44 7.73 -16.09
N PRO A 315 13.44 7.76 -15.17
CA PRO A 315 14.28 6.60 -14.90
C PRO A 315 13.52 5.55 -14.08
N ASN A 316 14.21 4.45 -13.71
CA ASN A 316 13.58 3.32 -12.98
C ASN A 316 12.40 2.78 -13.80
N LYS A 317 12.38 3.05 -15.10
CA LYS A 317 11.24 2.65 -15.97
C LYS A 317 11.76 2.40 -17.40
N GLU A 318 11.58 1.18 -17.91
CA GLU A 318 12.08 0.81 -19.25
C GLU A 318 10.91 0.35 -20.13
N ILE A 319 10.96 0.67 -21.42
CA ILE A 319 9.93 0.20 -22.40
C ILE A 319 10.56 -0.91 -23.25
N TYR A 320 10.12 -2.15 -23.02
CA TYR A 320 10.59 -3.34 -23.78
C TYR A 320 9.70 -3.57 -25.00
N CYS A 321 10.10 -3.02 -26.16
CA CYS A 321 9.28 -3.09 -27.39
C CYS A 321 9.54 -4.42 -28.12
N HIS A 322 8.49 -5.00 -28.70
CA HIS A 322 8.62 -6.22 -29.55
C HIS A 322 7.58 -6.21 -30.65
N MET A 323 8.03 -6.23 -31.91
CA MET A 323 7.15 -6.40 -33.10
C MET A 323 6.75 -7.88 -33.21
N THR A 324 5.46 -8.19 -33.06
CA THR A 324 5.01 -9.56 -32.67
C THR A 324 5.42 -10.62 -33.71
N CYS A 325 6.38 -11.47 -33.36
CA CYS A 325 6.70 -12.70 -34.14
C CYS A 325 5.44 -13.54 -34.31
N ALA A 326 5.05 -13.81 -35.56
CA ALA A 326 3.76 -14.48 -35.87
C ALA A 326 3.74 -15.89 -35.30
N THR A 327 2.78 -16.17 -34.40
CA THR A 327 2.47 -17.52 -33.88
C THR A 327 3.76 -18.27 -33.49
N ASP A 328 4.61 -17.58 -32.73
CA ASP A 328 5.71 -18.23 -31.96
C ASP A 328 5.44 -18.06 -30.46
N THR A 329 5.99 -18.95 -29.62
CA THR A 329 5.97 -18.79 -28.14
C THR A 329 6.96 -17.69 -27.73
N ASN A 330 7.74 -17.19 -28.70
CA ASN A 330 8.66 -16.03 -28.48
C ASN A 330 7.88 -14.89 -27.81
N ASN A 331 6.57 -14.81 -28.03
CA ASN A 331 5.78 -13.66 -27.50
C ASN A 331 5.73 -13.76 -25.97
N ILE A 332 5.66 -14.98 -25.42
CA ILE A 332 5.60 -15.20 -23.94
C ILE A 332 7.03 -15.28 -23.40
N GLN A 333 8.03 -15.28 -24.27
CA GLN A 333 9.46 -15.24 -23.84
C GLN A 333 9.94 -13.78 -23.80
N VAL A 334 9.24 -12.86 -24.44
CA VAL A 334 9.55 -11.41 -24.27
C VAL A 334 8.92 -10.94 -22.95
N VAL A 335 7.80 -11.54 -22.55
CA VAL A 335 7.18 -11.23 -21.23
C VAL A 335 8.04 -11.84 -20.12
N PHE A 336 8.51 -13.07 -20.29
CA PHE A 336 9.36 -13.74 -19.27
C PHE A 336 10.69 -13.00 -19.13
N ASP A 337 11.36 -12.67 -20.24
CA ASP A 337 12.63 -11.96 -20.17
C ASP A 337 12.48 -10.57 -19.55
N ALA A 338 11.39 -9.88 -19.89
CA ALA A 338 11.16 -8.56 -19.34
C ALA A 338 10.86 -8.63 -17.84
N VAL A 339 10.10 -9.63 -17.41
CA VAL A 339 9.77 -9.77 -16.00
C VAL A 339 11.02 -10.14 -15.20
N THR A 340 11.86 -11.02 -15.74
CA THR A 340 13.09 -11.38 -15.05
C THR A 340 14.01 -10.18 -14.89
N ASP A 341 14.07 -9.32 -15.91
CA ASP A 341 14.95 -8.14 -15.86
C ASP A 341 14.48 -7.08 -14.88
N ILE A 342 13.18 -7.00 -14.59
CA ILE A 342 12.66 -5.99 -13.67
C ILE A 342 12.59 -6.52 -12.24
N ILE A 343 12.96 -7.77 -12.01
CA ILE A 343 13.13 -8.31 -10.68
C ILE A 343 14.58 -8.19 -10.21
N ILE A 344 15.52 -8.40 -11.12
CA ILE A 344 16.93 -8.21 -10.80
C ILE A 344 17.20 -6.75 -10.46
N ALA A 345 16.61 -5.84 -11.23
CA ALA A 345 16.85 -4.39 -11.05
C ALA A 345 16.29 -3.92 -9.71
N ASN A 346 15.13 -4.46 -9.31
CA ASN A 346 14.52 -4.11 -7.99
C ASN A 346 15.44 -4.57 -6.86
N ASN A 347 15.98 -5.78 -6.98
CA ASN A 347 16.88 -6.38 -5.96
C ASN A 347 18.20 -5.60 -5.91
N LEU A 348 18.71 -5.15 -7.07
CA LEU A 348 19.92 -4.34 -7.10
C LEU A 348 19.71 -2.99 -6.44
N ARG A 349 18.50 -2.44 -6.55
CA ARG A 349 18.21 -1.15 -5.93
C ARG A 349 18.20 -1.26 -4.41
N GLY A 350 17.72 -2.39 -3.88
CA GLY A 350 17.66 -2.54 -2.44
C GLY A 350 19.03 -2.55 -1.79
N CYS A 351 19.99 -3.25 -2.41
CA CYS A 351 21.35 -3.24 -1.90
C CYS A 351 21.99 -1.87 -2.06
N GLY A 352 21.67 -1.17 -3.15
CA GLY A 352 22.27 0.11 -3.42
C GLY A 352 23.27 0.03 -4.56
N LEU A 353 23.02 -0.86 -5.51
CA LEU A 353 24.00 -1.16 -6.59
C LEU A 353 23.39 -0.87 -7.97
N TYR A 354 22.38 0.01 -8.03
CA TYR A 354 21.69 0.33 -9.29
C TYR A 354 21.11 1.76 -9.22
N ASP B 23 -33.83 21.71 -31.83
CA ASP B 23 -35.08 22.46 -32.12
C ASP B 23 -35.14 23.71 -31.24
N GLN B 24 -36.34 24.08 -30.79
CA GLN B 24 -36.53 25.20 -29.83
C GLN B 24 -36.48 24.66 -28.39
N LEU B 25 -36.36 23.33 -28.26
CA LEU B 25 -36.41 22.65 -26.94
C LEU B 25 -35.21 23.08 -26.10
N ARG B 26 -34.07 23.36 -26.73
CA ARG B 26 -32.85 23.80 -26.00
C ARG B 26 -33.15 25.12 -25.27
N GLN B 27 -33.83 26.05 -25.93
CA GLN B 27 -34.09 27.39 -25.34
C GLN B 27 -35.16 27.26 -24.24
N GLU B 28 -36.13 26.35 -24.44
CA GLU B 28 -37.19 26.10 -23.43
C GLU B 28 -36.55 25.55 -22.16
N ALA B 29 -35.62 24.59 -22.30
CA ALA B 29 -34.88 24.03 -21.15
C ALA B 29 -34.13 25.16 -20.43
N GLU B 30 -33.44 26.01 -21.18
CA GLU B 30 -32.67 27.15 -20.61
C GLU B 30 -33.61 28.03 -19.77
N GLN B 31 -34.78 28.36 -20.32
CA GLN B 31 -35.81 29.16 -19.59
C GLN B 31 -36.11 28.49 -18.24
N LEU B 32 -36.43 27.19 -18.25
CA LEU B 32 -36.81 26.47 -17.01
C LEU B 32 -35.64 26.50 -16.01
N LYS B 33 -34.41 26.27 -16.48
CA LYS B 33 -33.21 26.35 -15.61
C LYS B 33 -33.20 27.70 -14.88
N ASN B 34 -33.38 28.79 -15.61
CA ASN B 34 -33.29 30.17 -15.04
C ASN B 34 -34.44 30.39 -14.05
N GLN B 35 -35.64 29.88 -14.37
CA GLN B 35 -36.81 30.00 -13.46
C GLN B 35 -36.48 29.31 -12.12
N ILE B 36 -35.91 28.10 -12.16
CA ILE B 36 -35.60 27.36 -10.96
C ILE B 36 -34.61 28.13 -10.08
N ARG B 37 -33.59 28.72 -10.70
CA ARG B 37 -32.62 29.48 -9.94
C ARG B 37 -33.27 30.70 -9.28
N ASP B 38 -34.16 31.37 -10.00
CA ASP B 38 -34.85 32.52 -9.42
C ASP B 38 -35.73 32.12 -8.25
N ALA B 39 -36.42 30.98 -8.38
CA ALA B 39 -37.33 30.50 -7.31
C ALA B 39 -36.56 30.27 -6.01
N ARG B 40 -35.42 29.59 -6.10
CA ARG B 40 -34.61 29.21 -4.90
C ARG B 40 -34.04 30.48 -4.25
N LYS B 41 -33.71 31.49 -5.06
CA LYS B 41 -33.14 32.76 -4.54
C LYS B 41 -34.17 33.47 -3.66
N ALA B 42 -35.44 33.45 -4.06
CA ALA B 42 -36.53 34.04 -3.24
C ALA B 42 -36.59 33.37 -1.87
N CYS B 43 -36.49 32.03 -1.83
CA CYS B 43 -36.61 31.26 -0.56
C CYS B 43 -35.45 31.61 0.39
N ALA B 44 -34.30 32.02 -0.16
CA ALA B 44 -33.13 32.37 0.68
C ALA B 44 -33.39 33.70 1.40
N ASP B 45 -33.50 33.66 2.73
CA ASP B 45 -33.74 34.90 3.53
C ASP B 45 -32.63 35.06 4.58
N ALA B 46 -32.05 33.95 5.05
CA ALA B 46 -31.02 33.99 6.12
C ALA B 46 -30.14 32.73 6.03
N THR B 47 -28.81 32.92 6.10
CA THR B 47 -27.84 31.79 6.00
C THR B 47 -27.86 30.98 7.30
N LEU B 48 -27.64 29.66 7.19
CA LEU B 48 -27.58 28.76 8.37
C LEU B 48 -26.69 29.40 9.44
N SER B 49 -25.56 29.97 9.04
CA SER B 49 -24.56 30.54 9.98
C SER B 49 -25.21 31.60 10.86
N GLN B 50 -25.98 32.52 10.27
CA GLN B 50 -26.61 33.63 11.02
C GLN B 50 -27.53 33.05 12.11
N ILE B 51 -28.36 32.08 11.75
CA ILE B 51 -29.42 31.53 12.65
C ILE B 51 -28.76 30.75 13.79
N THR B 52 -27.62 30.11 13.51
CA THR B 52 -26.95 29.22 14.50
C THR B 52 -25.78 29.95 15.16
N ASN B 53 -25.70 31.28 15.03
CA ASN B 53 -24.52 32.06 15.53
C ASN B 53 -24.50 32.02 17.07
N ASN B 54 -25.68 32.09 17.69
CA ASN B 54 -25.79 32.19 19.17
C ASN B 54 -25.28 30.90 19.83
N ILE B 55 -25.52 29.75 19.17
CA ILE B 55 -25.14 28.41 19.71
C ILE B 55 -23.70 28.46 20.26
N ASP B 56 -23.50 27.96 21.48
CA ASP B 56 -22.14 27.87 22.08
C ASP B 56 -21.32 26.82 21.31
N PRO B 57 -20.03 27.08 20.97
CA PRO B 57 -19.25 26.07 20.25
C PRO B 57 -19.21 24.74 20.98
N VAL B 58 -19.11 23.67 20.21
CA VAL B 58 -19.05 22.33 20.78
C VAL B 58 -17.76 22.13 21.55
N GLY B 59 -16.68 22.77 21.10
CA GLY B 59 -15.38 22.61 21.73
C GLY B 59 -14.55 21.51 21.10
N ARG B 60 -13.34 21.35 21.62
CA ARG B 60 -12.43 20.34 21.11
C ARG B 60 -12.93 18.94 21.44
N ILE B 61 -12.79 18.03 20.48
CA ILE B 61 -13.20 16.64 20.62
C ILE B 61 -11.94 15.77 20.61
N GLN B 62 -11.72 15.02 21.68
CA GLN B 62 -10.55 14.11 21.74
C GLN B 62 -11.01 12.66 21.71
N MET B 63 -10.92 12.00 20.55
CA MET B 63 -11.21 10.55 20.43
C MET B 63 -9.90 9.78 20.30
N ARG B 64 -9.89 8.51 20.72
CA ARG B 64 -8.63 7.73 20.82
C ARG B 64 -8.89 6.27 20.44
N THR B 65 -8.01 5.66 19.62
CA THR B 65 -8.20 4.24 19.18
C THR B 65 -8.49 3.34 20.39
N ARG B 66 -9.62 2.64 20.36
CA ARG B 66 -9.97 1.66 21.42
C ARG B 66 -9.59 0.25 20.95
N ARG B 67 -9.95 -0.10 19.70
CA ARG B 67 -9.59 -1.41 19.09
C ARG B 67 -8.87 -1.19 17.77
N THR B 68 -8.04 -2.16 17.36
CA THR B 68 -7.45 -2.20 15.99
C THR B 68 -7.60 -3.62 15.42
N LEU B 69 -8.28 -3.75 14.29
CA LEU B 69 -8.59 -5.08 13.69
C LEU B 69 -7.58 -5.37 12.58
N ARG B 70 -6.92 -6.53 12.65
CA ARG B 70 -5.86 -6.88 11.72
C ARG B 70 -6.14 -8.25 11.10
N GLY B 71 -5.67 -8.44 9.87
CA GLY B 71 -5.93 -9.68 9.17
C GLY B 71 -6.11 -9.50 7.67
N HIS B 72 -6.35 -8.27 7.22
CA HIS B 72 -6.42 -7.97 5.80
C HIS B 72 -5.02 -7.76 5.26
N LEU B 73 -4.73 -8.35 4.10
CA LEU B 73 -3.40 -8.28 3.51
C LEU B 73 -3.32 -7.31 2.33
N ALA B 74 -4.38 -6.56 2.05
CA ALA B 74 -4.37 -5.59 0.96
C ALA B 74 -5.25 -4.42 1.34
N LYS B 75 -5.39 -3.47 0.41
CA LYS B 75 -6.16 -2.27 0.68
C LYS B 75 -7.62 -2.60 0.96
N ILE B 76 -8.20 -1.91 1.93
CA ILE B 76 -9.60 -2.08 2.29
C ILE B 76 -10.42 -1.00 1.60
N TYR B 77 -11.47 -1.42 0.89
CA TYR B 77 -12.22 -0.52 -0.01
C TYR B 77 -13.59 -0.16 0.60
N ALA B 78 -14.12 -0.99 1.49
CA ALA B 78 -15.44 -0.72 2.09
C ALA B 78 -15.60 -1.41 3.45
N MET B 79 -16.61 -0.96 4.20
CA MET B 79 -17.04 -1.51 5.51
C MET B 79 -18.53 -1.19 5.70
N HIS B 80 -19.22 -1.93 6.57
CA HIS B 80 -20.60 -1.59 6.99
C HIS B 80 -20.88 -2.18 8.37
N TRP B 81 -21.34 -1.34 9.30
CA TRP B 81 -21.68 -1.76 10.67
C TRP B 81 -22.93 -2.62 10.67
N GLY B 82 -23.07 -3.48 11.68
CA GLY B 82 -24.29 -4.22 11.89
C GLY B 82 -25.35 -3.39 12.59
N THR B 83 -26.57 -3.92 12.60
CA THR B 83 -27.67 -3.19 13.24
C THR B 83 -27.60 -3.29 14.76
N ASP B 84 -26.82 -4.21 15.31
CA ASP B 84 -26.66 -4.34 16.74
C ASP B 84 -25.47 -3.57 17.30
N SER B 85 -24.76 -2.84 16.44
CA SER B 85 -23.63 -2.00 16.82
C SER B 85 -22.46 -2.80 17.40
N ARG B 86 -22.39 -4.09 17.11
CA ARG B 86 -21.32 -4.95 17.61
C ARG B 86 -20.56 -5.65 16.51
N LEU B 87 -21.23 -6.12 15.47
CA LEU B 87 -20.59 -6.83 14.36
C LEU B 87 -20.47 -5.90 13.16
N LEU B 88 -19.40 -6.08 12.38
CA LEU B 88 -19.19 -5.30 11.18
C LEU B 88 -18.51 -6.17 10.13
N VAL B 89 -18.66 -5.76 8.86
CA VAL B 89 -18.09 -6.47 7.68
C VAL B 89 -17.11 -5.53 6.98
N SER B 90 -16.02 -6.08 6.44
CA SER B 90 -15.03 -5.30 5.64
C SER B 90 -14.65 -6.09 4.38
N ALA B 91 -14.49 -5.37 3.26
CA ALA B 91 -14.11 -5.95 1.96
C ALA B 91 -12.74 -5.40 1.55
N SER B 92 -11.85 -6.28 1.07
CA SER B 92 -10.47 -5.88 0.72
C SER B 92 -10.04 -6.54 -0.60
N GLN B 93 -9.01 -5.96 -1.24
CA GLN B 93 -8.59 -6.40 -2.57
C GLN B 93 -7.99 -7.79 -2.59
N ASP B 94 -7.71 -8.39 -1.43
CA ASP B 94 -7.19 -9.76 -1.41
C ASP B 94 -8.30 -10.80 -1.53
N GLY B 95 -9.49 -10.41 -1.98
CA GLY B 95 -10.58 -11.35 -2.16
C GLY B 95 -11.10 -11.96 -0.88
N LYS B 96 -11.24 -11.16 0.17
CA LYS B 96 -11.72 -11.65 1.45
C LYS B 96 -12.82 -10.75 1.98
N LEU B 97 -13.84 -11.37 2.58
CA LEU B 97 -14.95 -10.67 3.22
C LEU B 97 -14.99 -11.15 4.67
N ILE B 98 -14.43 -10.36 5.58
CA ILE B 98 -14.27 -10.76 6.97
C ILE B 98 -15.32 -10.05 7.82
N ILE B 99 -16.00 -10.81 8.68
CA ILE B 99 -16.95 -10.28 9.65
C ILE B 99 -16.26 -10.31 11.01
N TRP B 100 -16.20 -9.15 11.67
CA TRP B 100 -15.47 -9.02 12.91
C TRP B 100 -16.41 -9.00 14.11
N ASP B 101 -15.81 -8.94 15.30
CA ASP B 101 -16.54 -8.71 16.55
C ASP B 101 -15.79 -7.58 17.26
N SER B 102 -16.30 -6.36 17.10
CA SER B 102 -15.54 -5.19 17.52
C SER B 102 -15.31 -5.15 19.02
N TYR B 103 -16.15 -5.85 19.79
CA TYR B 103 -15.96 -5.86 21.25
C TYR B 103 -14.69 -6.60 21.63
N THR B 104 -14.45 -7.77 21.03
CA THR B 104 -13.34 -8.63 21.39
C THR B 104 -12.32 -8.83 20.27
N THR B 105 -12.49 -8.15 19.14
CA THR B 105 -11.60 -8.27 17.98
C THR B 105 -11.53 -9.70 17.44
N ASN B 106 -12.59 -10.47 17.67
CA ASN B 106 -12.67 -11.83 17.14
C ASN B 106 -13.16 -11.80 15.71
N LYS B 107 -12.75 -12.79 14.93
CA LYS B 107 -13.24 -12.96 13.56
C LYS B 107 -14.35 -14.00 13.58
N VAL B 108 -15.50 -13.65 13.00
CA VAL B 108 -16.64 -14.56 12.98
C VAL B 108 -16.73 -15.32 11.67
N HIS B 109 -16.48 -14.67 10.54
CA HIS B 109 -16.56 -15.31 9.24
C HIS B 109 -15.44 -14.79 8.35
N ALA B 110 -15.10 -15.58 7.33
CA ALA B 110 -14.12 -15.17 6.33
C ALA B 110 -14.57 -15.77 5.00
N ILE B 111 -15.20 -14.94 4.16
CA ILE B 111 -15.81 -15.40 2.92
C ILE B 111 -14.87 -15.13 1.76
N PRO B 112 -14.52 -16.15 0.96
CA PRO B 112 -13.67 -15.90 -0.21
C PRO B 112 -14.46 -15.49 -1.42
N LEU B 113 -14.07 -14.37 -2.04
CA LEU B 113 -14.77 -13.83 -3.20
C LEU B 113 -14.24 -14.48 -4.47
N ARG B 114 -15.14 -14.68 -5.44
CA ARG B 114 -14.69 -15.18 -6.74
C ARG B 114 -13.86 -14.16 -7.49
N SER B 115 -14.16 -12.87 -7.33
CA SER B 115 -13.38 -11.81 -7.97
C SER B 115 -12.84 -10.90 -6.88
N SER B 116 -11.54 -10.65 -6.91
CA SER B 116 -10.87 -9.87 -5.89
C SER B 116 -10.99 -8.37 -6.11
N TRP B 117 -11.64 -7.94 -7.19
CA TRP B 117 -11.81 -6.52 -7.47
C TRP B 117 -13.16 -6.09 -6.92
N VAL B 118 -13.19 -5.87 -5.60
CA VAL B 118 -14.41 -5.53 -4.87
C VAL B 118 -14.31 -4.06 -4.46
N MET B 119 -15.40 -3.33 -4.63
CA MET B 119 -15.43 -1.90 -4.34
C MET B 119 -16.46 -1.50 -3.28
N THR B 120 -17.36 -2.40 -2.89
CA THR B 120 -18.40 -2.04 -1.93
C THR B 120 -18.86 -3.29 -1.19
N CYS B 121 -19.45 -3.08 -0.01
CA CYS B 121 -20.05 -4.18 0.78
C CYS B 121 -21.20 -3.64 1.64
N ALA B 122 -22.13 -4.52 2.02
CA ALA B 122 -23.32 -4.12 2.82
C ALA B 122 -23.64 -5.20 3.87
N TYR B 123 -24.49 -4.84 4.83
CA TYR B 123 -24.98 -5.76 5.88
C TYR B 123 -26.51 -5.64 5.94
N ALA B 124 -27.22 -6.78 5.90
CA ALA B 124 -28.70 -6.76 5.92
C ALA B 124 -29.19 -6.16 7.25
N PRO B 125 -30.32 -5.43 7.27
CA PRO B 125 -30.88 -4.88 8.52
C PRO B 125 -31.28 -5.97 9.53
N SER B 126 -31.33 -7.22 9.10
CA SER B 126 -31.66 -8.38 9.98
C SER B 126 -30.37 -9.00 10.53
N GLY B 127 -29.31 -9.00 9.73
CA GLY B 127 -28.03 -9.60 10.11
C GLY B 127 -27.86 -10.99 9.51
N ASN B 128 -28.65 -11.31 8.48
CA ASN B 128 -28.70 -12.67 7.91
C ASN B 128 -27.98 -12.71 6.57
N TYR B 129 -27.71 -11.54 5.98
CA TYR B 129 -27.12 -11.48 4.61
C TYR B 129 -26.01 -10.43 4.58
N VAL B 130 -25.02 -10.67 3.73
CA VAL B 130 -24.04 -9.61 3.31
C VAL B 130 -24.05 -9.53 1.78
N ALA B 131 -23.67 -8.37 1.23
CA ALA B 131 -23.55 -8.20 -0.23
C ALA B 131 -22.16 -7.64 -0.57
N CYS B 132 -21.71 -7.83 -1.81
CA CYS B 132 -20.45 -7.20 -2.31
C CYS B 132 -20.54 -7.01 -3.83
N GLY B 133 -19.65 -6.20 -4.39
CA GLY B 133 -19.53 -6.03 -5.84
C GLY B 133 -18.33 -5.17 -6.15
N GLY B 134 -18.02 -5.10 -7.44
CA GLY B 134 -16.85 -4.35 -7.87
C GLY B 134 -16.65 -4.23 -9.36
N LEU B 135 -15.40 -4.40 -9.82
CA LEU B 135 -15.10 -4.25 -11.24
C LEU B 135 -15.85 -5.26 -12.08
N ASP B 136 -16.10 -6.46 -11.55
CA ASP B 136 -17.08 -7.34 -12.16
C ASP B 136 -18.46 -6.77 -11.93
N ASN B 137 -19.26 -6.68 -12.99
CA ASN B 137 -20.52 -5.96 -12.92
C ASN B 137 -21.62 -6.82 -12.31
N ILE B 138 -21.36 -7.36 -11.11
CA ILE B 138 -22.30 -8.31 -10.43
C ILE B 138 -22.41 -7.91 -8.95
N CYS B 139 -23.63 -7.88 -8.41
CA CYS B 139 -23.88 -7.82 -6.94
C CYS B 139 -24.13 -9.23 -6.41
N SER B 140 -23.30 -9.69 -5.48
CA SER B 140 -23.39 -11.08 -4.94
C SER B 140 -23.91 -11.04 -3.50
N ILE B 141 -24.94 -11.83 -3.20
CA ILE B 141 -25.55 -11.89 -1.84
C ILE B 141 -25.19 -13.22 -1.18
N TYR B 142 -24.74 -13.17 0.08
CA TYR B 142 -24.24 -14.37 0.82
C TYR B 142 -25.15 -14.61 2.02
N ASN B 143 -25.57 -15.87 2.21
CA ASN B 143 -26.43 -16.25 3.32
C ASN B 143 -25.53 -16.56 4.51
N LEU B 144 -25.60 -15.73 5.55
CA LEU B 144 -24.70 -15.88 6.69
C LEU B 144 -25.12 -17.05 7.57
N LYS B 145 -26.32 -16.96 8.15
CA LYS B 145 -26.79 -17.97 9.10
C LYS B 145 -27.67 -18.97 8.36
N THR B 146 -27.11 -20.15 8.09
CA THR B 146 -27.80 -21.23 7.40
C THR B 146 -27.81 -22.46 8.29
N ARG B 147 -28.36 -23.56 7.78
CA ARG B 147 -28.50 -24.77 8.57
C ARG B 147 -27.26 -25.65 8.56
N GLU B 148 -26.21 -25.26 7.84
CA GLU B 148 -24.96 -26.00 7.84
C GLU B 148 -23.78 -25.22 8.41
N GLY B 149 -23.96 -23.93 8.70
CA GLY B 149 -22.89 -23.14 9.27
C GLY B 149 -21.82 -22.70 8.30
N ASN B 150 -22.01 -22.95 7.00
CA ASN B 150 -21.05 -22.57 5.97
C ASN B 150 -21.68 -21.49 5.10
N VAL B 151 -20.92 -20.44 4.83
CA VAL B 151 -21.42 -19.31 4.06
C VAL B 151 -21.25 -19.62 2.57
N ARG B 152 -22.37 -19.54 1.84
CA ARG B 152 -22.43 -19.84 0.39
C ARG B 152 -23.13 -18.69 -0.34
N VAL B 153 -22.80 -18.50 -1.62
CA VAL B 153 -23.40 -17.41 -2.44
C VAL B 153 -24.82 -17.80 -2.82
N SER B 154 -25.81 -17.09 -2.28
CA SER B 154 -27.24 -17.41 -2.52
C SER B 154 -27.69 -16.88 -3.88
N ARG B 155 -27.39 -15.61 -4.18
CA ARG B 155 -27.91 -14.93 -5.39
C ARG B 155 -26.85 -14.01 -5.97
N GLU B 156 -26.62 -14.11 -7.28
CA GLU B 156 -25.81 -13.15 -8.03
C GLU B 156 -26.73 -12.38 -8.96
N LEU B 157 -26.72 -11.05 -8.85
CA LEU B 157 -27.59 -10.18 -9.64
C LEU B 157 -26.77 -9.53 -10.74
N ALA B 158 -27.14 -9.78 -11.98
CA ALA B 158 -26.44 -9.25 -13.15
C ALA B 158 -27.40 -8.41 -13.98
N GLY B 159 -26.82 -7.49 -14.76
CA GLY B 159 -27.62 -6.60 -15.58
C GLY B 159 -27.03 -5.20 -15.71
N HIS B 160 -26.08 -4.86 -14.85
CA HIS B 160 -25.40 -3.59 -14.96
C HIS B 160 -24.31 -3.67 -16.02
N THR B 161 -23.99 -2.52 -16.61
CA THR B 161 -23.00 -2.43 -17.67
C THR B 161 -21.64 -1.96 -17.18
N GLY B 162 -21.59 -1.19 -16.08
CA GLY B 162 -20.33 -0.72 -15.55
C GLY B 162 -20.09 -1.30 -14.17
N TYR B 163 -18.95 -0.89 -13.59
CA TYR B 163 -18.56 -1.40 -12.29
C TYR B 163 -19.57 -1.01 -11.22
N LEU B 164 -19.78 -1.89 -10.25
CA LEU B 164 -20.72 -1.62 -9.17
C LEU B 164 -20.06 -0.73 -8.12
N SER B 165 -20.69 0.40 -7.82
CA SER B 165 -20.09 1.37 -6.91
C SER B 165 -20.60 1.23 -5.47
N CYS B 166 -21.90 1.01 -5.28
CA CYS B 166 -22.46 0.95 -3.95
C CYS B 166 -23.69 0.06 -3.97
N CYS B 167 -24.04 -0.44 -2.79
CA CYS B 167 -25.22 -1.29 -2.64
C CYS B 167 -25.71 -1.18 -1.20
N ARG B 168 -27.02 -1.00 -1.03
CA ARG B 168 -27.62 -0.87 0.29
C ARG B 168 -28.85 -1.77 0.37
N PHE B 169 -28.95 -2.53 1.46
CA PHE B 169 -30.08 -3.44 1.66
C PHE B 169 -31.31 -2.63 2.07
N LEU B 170 -32.31 -2.58 1.18
CA LEU B 170 -33.56 -1.93 1.54
C LEU B 170 -34.27 -2.70 2.65
N ASP B 171 -34.42 -4.00 2.47
CA ASP B 171 -34.90 -4.91 3.51
C ASP B 171 -34.28 -6.27 3.26
N ASP B 172 -34.85 -7.31 3.86
CA ASP B 172 -34.31 -8.66 3.71
C ASP B 172 -34.51 -9.23 2.31
N ASN B 173 -35.27 -8.54 1.46
CA ASN B 173 -35.62 -9.06 0.14
C ASN B 173 -35.27 -8.10 -0.99
N GLN B 174 -35.18 -6.79 -0.72
CA GLN B 174 -34.89 -5.81 -1.75
C GLN B 174 -33.54 -5.16 -1.49
N ILE B 175 -32.86 -4.79 -2.58
CA ILE B 175 -31.55 -4.15 -2.50
C ILE B 175 -31.48 -3.10 -3.59
N VAL B 176 -30.75 -2.01 -3.32
CA VAL B 176 -30.58 -0.90 -4.25
C VAL B 176 -29.10 -0.79 -4.58
N THR B 177 -28.78 -0.72 -5.87
CA THR B 177 -27.40 -0.68 -6.34
C THR B 177 -27.20 0.49 -7.29
N SER B 178 -25.96 0.94 -7.37
CA SER B 178 -25.55 1.98 -8.31
C SER B 178 -24.26 1.55 -8.98
N SER B 179 -24.13 1.86 -10.27
CA SER B 179 -22.99 1.40 -11.07
C SER B 179 -22.42 2.55 -11.88
N GLY B 180 -21.39 2.24 -12.66
CA GLY B 180 -20.73 3.18 -13.53
C GLY B 180 -21.36 3.37 -14.89
N ASP B 181 -22.47 2.68 -15.16
CA ASP B 181 -23.23 2.94 -16.39
C ASP B 181 -24.23 4.07 -16.23
N THR B 182 -24.00 4.97 -15.26
CA THR B 182 -24.81 6.16 -15.04
C THR B 182 -26.25 5.82 -14.67
N THR B 183 -26.48 4.66 -14.07
CA THR B 183 -27.82 4.24 -13.69
C THR B 183 -27.80 3.63 -12.30
N CYS B 184 -28.94 3.71 -11.62
CA CYS B 184 -29.18 3.01 -10.37
C CYS B 184 -30.37 2.07 -10.57
N ALA B 185 -30.40 0.99 -9.80
CA ALA B 185 -31.43 -0.02 -9.98
C ALA B 185 -31.91 -0.54 -8.64
N LEU B 186 -33.16 -0.99 -8.61
CA LEU B 186 -33.74 -1.67 -7.46
C LEU B 186 -34.02 -3.12 -7.86
N TRP B 187 -33.49 -4.05 -7.07
CA TRP B 187 -33.54 -5.46 -7.41
C TRP B 187 -34.55 -6.20 -6.55
N ASP B 188 -34.95 -7.37 -7.02
CA ASP B 188 -35.76 -8.32 -6.26
C ASP B 188 -34.93 -9.58 -6.08
N ILE B 189 -34.44 -9.80 -4.86
CA ILE B 189 -33.43 -10.83 -4.62
C ILE B 189 -34.00 -12.21 -4.90
N GLU B 190 -35.28 -12.43 -4.57
CA GLU B 190 -35.85 -13.77 -4.70
C GLU B 190 -35.90 -14.22 -6.16
N THR B 191 -36.24 -13.31 -7.07
CA THR B 191 -36.30 -13.65 -8.50
C THR B 191 -35.00 -13.31 -9.23
N GLY B 192 -34.36 -12.19 -8.90
CA GLY B 192 -33.10 -11.84 -9.49
C GLY B 192 -33.16 -10.83 -10.62
N GLN B 193 -34.32 -10.23 -10.89
CA GLN B 193 -34.46 -9.24 -11.95
C GLN B 193 -34.73 -7.87 -11.33
N GLN B 194 -34.13 -6.84 -11.91
CA GLN B 194 -34.29 -5.48 -11.41
C GLN B 194 -35.70 -4.99 -11.71
N THR B 195 -36.42 -4.60 -10.65
CA THR B 195 -37.80 -4.14 -10.83
C THR B 195 -37.85 -2.74 -11.44
N THR B 196 -36.98 -1.85 -10.96
CA THR B 196 -36.99 -0.45 -11.40
C THR B 196 -35.58 -0.01 -11.73
N THR B 197 -35.47 0.86 -12.73
CA THR B 197 -34.20 1.45 -13.13
C THR B 197 -34.33 2.97 -13.08
N PHE B 198 -33.34 3.62 -12.48
CA PHE B 198 -33.33 5.07 -12.29
C PHE B 198 -32.31 5.67 -13.25
N THR B 199 -32.79 6.39 -14.25
CA THR B 199 -31.93 7.01 -15.26
C THR B 199 -32.04 8.53 -15.20
N GLY B 200 -31.00 9.19 -15.69
CA GLY B 200 -30.96 10.64 -15.69
C GLY B 200 -29.60 11.21 -15.38
N HIS B 201 -28.78 10.45 -14.66
CA HIS B 201 -27.43 10.89 -14.37
C HIS B 201 -26.59 10.91 -15.64
N THR B 202 -25.66 11.86 -15.72
CA THR B 202 -24.82 12.02 -16.90
C THR B 202 -23.49 11.27 -16.77
N GLY B 203 -22.95 11.14 -15.57
CA GLY B 203 -21.69 10.45 -15.38
C GLY B 203 -21.78 9.27 -14.43
N ASP B 204 -20.64 8.71 -14.06
CA ASP B 204 -20.61 7.54 -13.18
C ASP B 204 -21.22 7.90 -11.82
N VAL B 205 -22.10 7.02 -11.33
CA VAL B 205 -22.69 7.16 -10.01
C VAL B 205 -21.74 6.51 -9.01
N MET B 206 -21.35 7.26 -7.99
CA MET B 206 -20.29 6.83 -7.10
C MET B 206 -20.74 6.47 -5.69
N SER B 207 -21.89 6.98 -5.24
CA SER B 207 -22.33 6.75 -3.87
C SER B 207 -23.85 6.64 -3.84
N LEU B 208 -24.37 6.33 -2.65
CA LEU B 208 -25.79 6.06 -2.46
C LEU B 208 -26.09 6.04 -0.97
N SER B 209 -27.27 6.50 -0.59
CA SER B 209 -27.67 6.54 0.81
C SER B 209 -29.19 6.44 0.90
N LEU B 210 -29.67 5.52 1.73
CA LEU B 210 -31.10 5.33 1.92
C LEU B 210 -31.63 6.21 3.04
N ALA B 211 -32.89 6.62 2.90
CA ALA B 211 -33.55 7.40 3.93
C ALA B 211 -33.90 6.51 5.13
N PRO B 212 -34.08 7.11 6.31
CA PRO B 212 -34.47 6.29 7.47
C PRO B 212 -35.76 5.51 7.28
N ASP B 213 -36.73 6.07 6.55
CA ASP B 213 -37.98 5.36 6.29
C ASP B 213 -37.91 4.47 5.05
N THR B 214 -36.79 4.47 4.34
CA THR B 214 -36.58 3.63 3.16
C THR B 214 -37.63 3.84 2.08
N ARG B 215 -38.07 5.08 1.89
CA ARG B 215 -38.94 5.44 0.78
C ARG B 215 -38.28 6.41 -0.19
N LEU B 216 -37.07 6.87 0.13
CA LEU B 216 -36.33 7.80 -0.72
C LEU B 216 -34.85 7.47 -0.59
N PHE B 217 -34.07 7.87 -1.58
CA PHE B 217 -32.62 7.75 -1.49
C PHE B 217 -31.98 8.77 -2.40
N VAL B 218 -30.71 9.07 -2.13
CA VAL B 218 -29.94 10.05 -2.87
C VAL B 218 -28.71 9.37 -3.46
N SER B 219 -28.24 9.90 -4.59
CA SER B 219 -27.09 9.37 -5.29
C SER B 219 -26.20 10.50 -5.77
N GLY B 220 -24.90 10.35 -5.56
CA GLY B 220 -23.94 11.30 -6.05
C GLY B 220 -23.16 10.75 -7.22
N ALA B 221 -23.01 11.56 -8.27
CA ALA B 221 -22.36 11.09 -9.51
C ALA B 221 -21.18 11.98 -9.89
N CYS B 222 -20.55 11.66 -11.04
CA CYS B 222 -19.34 12.36 -11.54
C CYS B 222 -19.76 13.56 -12.40
N ASP B 223 -21.06 13.84 -12.48
CA ASP B 223 -21.58 15.04 -13.19
C ASP B 223 -21.65 16.23 -12.22
N ALA B 224 -21.04 16.08 -11.04
CA ALA B 224 -21.09 17.08 -9.94
C ALA B 224 -22.55 17.41 -9.59
N SER B 225 -23.42 16.40 -9.55
CA SER B 225 -24.83 16.62 -9.17
C SER B 225 -25.32 15.46 -8.29
N ALA B 226 -26.14 15.79 -7.28
CA ALA B 226 -26.86 14.79 -6.47
C ALA B 226 -28.35 14.81 -6.85
N LYS B 227 -29.01 13.66 -6.80
CA LYS B 227 -30.43 13.56 -7.21
C LYS B 227 -31.23 12.77 -6.17
N LEU B 228 -32.45 13.20 -5.88
CA LEU B 228 -33.38 12.48 -4.96
C LEU B 228 -34.32 11.61 -5.80
N TRP B 229 -34.43 10.33 -5.42
CA TRP B 229 -35.24 9.35 -6.14
C TRP B 229 -36.35 8.83 -5.24
N ASP B 230 -37.47 8.47 -5.86
CA ASP B 230 -38.58 7.81 -5.17
C ASP B 230 -38.53 6.33 -5.51
N VAL B 231 -38.42 5.50 -4.48
CA VAL B 231 -38.25 4.06 -4.70
C VAL B 231 -39.49 3.46 -5.37
N ARG B 232 -40.68 3.83 -4.88
CA ARG B 232 -41.90 3.20 -5.38
C ARG B 232 -42.22 3.64 -6.80
N GLU B 233 -42.05 4.93 -7.10
CA GLU B 233 -42.42 5.46 -8.41
C GLU B 233 -41.27 5.42 -9.42
N GLY B 234 -40.04 5.44 -8.95
CA GLY B 234 -38.89 5.41 -9.84
C GLY B 234 -38.71 6.66 -10.70
N MET B 235 -38.89 7.84 -10.12
CA MET B 235 -38.69 9.10 -10.82
C MET B 235 -37.88 10.05 -9.95
N CYS B 236 -37.12 10.92 -10.61
CA CYS B 236 -36.27 11.92 -9.91
C CYS B 236 -37.16 13.09 -9.44
N ARG B 237 -37.12 13.38 -8.14
CA ARG B 237 -37.96 14.46 -7.57
C ARG B 237 -37.20 15.79 -7.67
N GLN B 238 -35.96 15.83 -7.16
CA GLN B 238 -35.18 17.09 -7.07
C GLN B 238 -33.73 16.83 -7.54
N THR B 239 -33.05 17.88 -8.00
CA THR B 239 -31.63 17.79 -8.43
C THR B 239 -30.83 18.91 -7.78
N PHE B 240 -29.71 18.56 -7.13
CA PHE B 240 -28.87 19.50 -6.40
C PHE B 240 -27.51 19.58 -7.08
N THR B 241 -27.06 20.80 -7.35
CA THR B 241 -25.80 21.03 -8.07
C THR B 241 -25.09 22.25 -7.48
N GLY B 242 -24.13 22.00 -6.59
CA GLY B 242 -23.31 23.05 -6.05
C GLY B 242 -21.82 22.79 -6.16
N HIS B 243 -21.45 21.53 -6.38
CA HIS B 243 -20.05 21.14 -6.38
C HIS B 243 -19.39 21.50 -7.71
N GLU B 244 -18.06 21.40 -7.73
CA GLU B 244 -17.27 21.72 -8.92
C GLU B 244 -16.51 20.51 -9.46
N SER B 245 -16.75 19.33 -8.91
CA SER B 245 -16.10 18.11 -9.38
C SER B 245 -16.95 16.91 -8.96
N ASP B 246 -16.46 15.72 -9.25
CA ASP B 246 -17.23 14.51 -8.98
C ASP B 246 -17.42 14.27 -7.49
N ILE B 247 -18.55 13.67 -7.14
CA ILE B 247 -18.94 13.42 -5.75
C ILE B 247 -18.62 11.98 -5.40
N ASN B 248 -17.89 11.80 -4.30
CA ASN B 248 -17.36 10.46 -3.92
C ASN B 248 -18.19 9.86 -2.79
N ALA B 249 -18.88 10.69 -2.01
CA ALA B 249 -19.61 10.21 -0.80
C ALA B 249 -20.92 11.00 -0.60
N ILE B 250 -21.90 10.36 0.03
CA ILE B 250 -23.21 11.00 0.37
C ILE B 250 -23.79 10.33 1.62
N CYS B 251 -24.57 11.06 2.42
CA CYS B 251 -25.08 10.58 3.73
C CYS B 251 -26.25 11.46 4.19
N PHE B 252 -27.40 10.84 4.50
CA PHE B 252 -28.59 11.55 5.02
C PHE B 252 -28.34 12.06 6.45
N PHE B 253 -28.82 13.26 6.78
CA PHE B 253 -28.93 13.69 8.16
C PHE B 253 -29.86 12.73 8.91
N PRO B 254 -29.65 12.52 10.22
CA PRO B 254 -30.52 11.60 10.95
C PRO B 254 -31.99 11.97 10.90
N ASN B 255 -32.30 13.26 10.74
CA ASN B 255 -33.70 13.68 10.62
C ASN B 255 -34.35 13.09 9.37
N GLY B 256 -33.59 12.92 8.30
CA GLY B 256 -34.14 12.49 7.03
C GLY B 256 -34.58 13.61 6.12
N ASN B 257 -34.27 14.87 6.47
CA ASN B 257 -34.66 16.03 5.66
C ASN B 257 -33.45 16.78 5.13
N ALA B 258 -32.27 16.18 5.18
CA ALA B 258 -31.05 16.83 4.69
C ALA B 258 -30.01 15.75 4.44
N PHE B 259 -28.96 16.12 3.70
CA PHE B 259 -27.87 15.21 3.42
C PHE B 259 -26.60 15.99 3.18
N ALA B 260 -25.47 15.30 3.35
CA ALA B 260 -24.12 15.88 3.18
C ALA B 260 -23.39 15.15 2.04
N THR B 261 -22.59 15.91 1.27
CA THR B 261 -21.88 15.38 0.09
C THR B 261 -20.38 15.60 0.27
N GLY B 262 -19.55 14.69 -0.27
CA GLY B 262 -18.09 14.88 -0.28
C GLY B 262 -17.53 14.64 -1.67
N SER B 263 -16.69 15.57 -2.16
CA SER B 263 -16.22 15.56 -3.53
C SER B 263 -14.71 15.71 -3.58
N ASP B 264 -14.17 15.61 -4.79
CA ASP B 264 -12.75 15.82 -5.03
C ASP B 264 -12.35 17.29 -4.94
N ASP B 265 -13.33 18.20 -4.85
CA ASP B 265 -13.05 19.62 -4.69
C ASP B 265 -12.47 19.96 -3.32
N ALA B 266 -12.19 18.96 -2.48
CA ALA B 266 -11.70 19.13 -1.11
C ALA B 266 -12.70 19.88 -0.23
N THR B 267 -13.99 19.81 -0.54
CA THR B 267 -15.02 20.49 0.22
C THR B 267 -16.19 19.55 0.47
N CYS B 268 -16.90 19.80 1.56
CA CYS B 268 -18.19 19.15 1.84
C CYS B 268 -19.29 20.20 1.81
N ARG B 269 -20.52 19.73 1.52
CA ARG B 269 -21.68 20.64 1.40
C ARG B 269 -22.92 19.96 1.99
N LEU B 270 -23.79 20.74 2.62
CA LEU B 270 -25.02 20.25 3.23
C LEU B 270 -26.20 20.81 2.47
N PHE B 271 -27.06 19.93 1.97
CA PHE B 271 -28.25 20.30 1.22
C PHE B 271 -29.49 19.91 2.01
N ASP B 272 -30.55 20.69 1.84
CA ASP B 272 -31.81 20.44 2.53
C ASP B 272 -32.90 20.18 1.49
N LEU B 273 -33.71 19.16 1.74
CA LEU B 273 -34.70 18.73 0.74
C LEU B 273 -35.83 19.75 0.61
N ARG B 274 -36.38 20.21 1.73
CA ARG B 274 -37.52 21.11 1.67
C ARG B 274 -37.13 22.49 1.15
N ALA B 275 -36.00 23.02 1.62
CA ALA B 275 -35.53 24.30 1.10
C ALA B 275 -35.00 24.16 -0.33
N ASP B 276 -34.58 22.96 -0.70
CA ASP B 276 -34.18 22.64 -2.08
C ASP B 276 -32.97 23.47 -2.52
N GLN B 277 -32.04 23.68 -1.61
CA GLN B 277 -30.81 24.41 -1.93
C GLN B 277 -29.76 24.11 -0.88
N GLU B 278 -28.52 24.51 -1.20
CA GLU B 278 -27.39 24.32 -0.31
C GLU B 278 -27.54 25.18 0.94
N LEU B 279 -27.03 24.68 2.06
CA LEU B 279 -27.09 25.39 3.33
C LEU B 279 -25.73 25.88 3.80
N MET B 280 -24.74 25.00 3.91
CA MET B 280 -23.45 25.37 4.47
C MET B 280 -22.34 24.56 3.79
N THR B 281 -21.13 25.13 3.79
CA THR B 281 -19.98 24.53 3.15
C THR B 281 -18.88 24.33 4.20
N TYR B 282 -18.23 23.17 4.15
CA TYR B 282 -17.20 22.78 5.12
C TYR B 282 -15.86 22.70 4.38
N SER B 283 -15.15 23.81 4.32
CA SER B 283 -13.88 23.89 3.58
C SER B 283 -12.82 24.58 4.43
N HIS B 284 -11.56 24.23 4.17
CA HIS B 284 -10.42 24.84 4.81
C HIS B 284 -9.32 25.05 3.78
N ASP B 285 -8.65 26.20 3.87
CA ASP B 285 -7.58 26.50 2.91
C ASP B 285 -6.39 25.57 3.05
N ASN B 286 -6.24 24.91 4.19
CA ASN B 286 -5.14 23.98 4.41
C ASN B 286 -5.39 22.61 3.79
N ILE B 287 -6.62 22.33 3.37
CA ILE B 287 -7.00 21.03 2.83
C ILE B 287 -7.15 21.16 1.32
N ILE B 288 -6.47 20.29 0.59
CA ILE B 288 -6.50 20.33 -0.88
C ILE B 288 -6.84 18.95 -1.43
N CYS B 289 -6.87 17.95 -0.56
CA CYS B 289 -7.17 16.58 -0.96
C CYS B 289 -8.67 16.31 -0.94
N GLY B 290 -9.09 15.37 -1.78
CA GLY B 290 -10.50 15.05 -1.88
C GLY B 290 -11.01 14.22 -0.72
N ILE B 291 -12.33 14.21 -0.59
CA ILE B 291 -13.03 13.47 0.46
C ILE B 291 -13.43 12.11 -0.09
N THR B 292 -13.20 11.05 0.68
CA THR B 292 -13.56 9.71 0.24
C THR B 292 -14.86 9.21 0.87
N SER B 293 -15.15 9.59 2.11
CA SER B 293 -16.34 9.10 2.79
C SER B 293 -16.78 10.12 3.83
N VAL B 294 -18.09 10.19 4.06
CA VAL B 294 -18.67 11.06 5.08
C VAL B 294 -19.70 10.28 5.87
N SER B 295 -19.95 10.74 7.10
CA SER B 295 -20.98 10.16 7.95
C SER B 295 -21.32 11.15 9.06
N PHE B 296 -22.49 10.97 9.65
CA PHE B 296 -23.01 11.82 10.71
C PHE B 296 -22.91 11.10 12.05
N SER B 297 -23.31 11.79 13.11
CA SER B 297 -23.42 11.22 14.44
C SER B 297 -24.89 10.92 14.74
N LYS B 298 -25.14 10.40 15.94
CA LYS B 298 -26.50 10.00 16.29
C LYS B 298 -27.44 11.20 16.35
N SER B 299 -26.97 12.31 16.92
CA SER B 299 -27.78 13.52 17.00
C SER B 299 -27.61 14.44 15.80
N GLY B 300 -26.70 14.11 14.88
CA GLY B 300 -26.47 14.95 13.72
C GLY B 300 -25.63 16.17 13.98
N ARG B 301 -25.03 16.30 15.16
CA ARG B 301 -24.24 17.47 15.51
C ARG B 301 -22.82 17.41 14.97
N LEU B 302 -22.33 16.23 14.60
CA LEU B 302 -20.97 16.07 14.10
C LEU B 302 -21.00 15.50 12.69
N LEU B 303 -20.04 15.94 11.88
CA LEU B 303 -19.85 15.44 10.52
C LEU B 303 -18.43 14.92 10.40
N LEU B 304 -18.28 13.62 10.26
CA LEU B 304 -16.97 12.98 10.14
C LEU B 304 -16.71 12.64 8.68
N ALA B 305 -15.54 13.06 8.18
CA ALA B 305 -15.18 12.90 6.78
C ALA B 305 -13.77 12.34 6.67
N GLY B 306 -13.60 11.35 5.79
CA GLY B 306 -12.27 10.83 5.51
C GLY B 306 -11.65 11.51 4.30
N TYR B 307 -10.33 11.65 4.33
CA TYR B 307 -9.61 12.43 3.34
C TYR B 307 -8.48 11.60 2.74
N ASP B 308 -7.87 12.16 1.70
CA ASP B 308 -6.73 11.53 1.03
C ASP B 308 -5.40 11.83 1.73
N ASP B 309 -5.36 12.80 2.64
CA ASP B 309 -4.14 13.13 3.37
C ASP B 309 -3.97 12.30 4.63
N PHE B 310 -4.53 11.09 4.63
CA PHE B 310 -4.29 10.04 5.62
C PHE B 310 -5.04 10.29 6.92
N ASN B 311 -5.97 11.25 6.90
CA ASN B 311 -6.58 11.79 8.14
C ASN B 311 -8.11 11.72 8.05
N CYS B 312 -8.79 11.78 9.20
CA CYS B 312 -10.26 12.00 9.28
C CYS B 312 -10.54 13.28 10.07
N ASN B 313 -11.35 14.20 9.52
CA ASN B 313 -11.62 15.49 10.18
C ASN B 313 -13.05 15.51 10.73
N VAL B 314 -13.20 15.87 12.01
CA VAL B 314 -14.55 16.07 12.63
C VAL B 314 -14.99 17.51 12.39
N TRP B 315 -16.20 17.69 11.87
CA TRP B 315 -16.75 19.01 11.59
C TRP B 315 -17.97 19.25 12.47
N ASP B 316 -18.17 20.53 12.80
CA ASP B 316 -19.37 20.95 13.54
C ASP B 316 -20.43 21.29 12.49
N ALA B 317 -21.45 20.43 12.39
CA ALA B 317 -22.40 20.55 11.29
C ALA B 317 -23.15 21.87 11.32
N LEU B 318 -23.32 22.47 12.50
CA LEU B 318 -24.03 23.73 12.62
C LEU B 318 -23.12 24.94 12.64
N LYS B 319 -21.80 24.76 12.52
CA LYS B 319 -20.85 25.85 12.64
C LYS B 319 -19.81 25.93 11.53
N ALA B 320 -19.58 24.84 10.77
CA ALA B 320 -18.51 24.77 9.78
C ALA B 320 -17.14 25.04 10.38
N ASP B 321 -16.91 24.55 11.59
CA ASP B 321 -15.64 24.70 12.29
C ASP B 321 -15.14 23.33 12.71
N ARG B 322 -13.85 23.06 12.45
CA ARG B 322 -13.24 21.76 12.82
C ARG B 322 -13.19 21.62 14.34
N ALA B 323 -13.42 20.42 14.85
CA ALA B 323 -13.45 20.15 16.29
C ALA B 323 -12.55 18.99 16.67
N GLY B 324 -11.78 18.45 15.73
CA GLY B 324 -10.87 17.36 16.05
C GLY B 324 -10.36 16.70 14.80
N VAL B 325 -9.31 15.90 14.98
CA VAL B 325 -8.68 15.16 13.89
C VAL B 325 -8.39 13.73 14.34
N LEU B 326 -8.85 12.75 13.57
CA LEU B 326 -8.58 11.34 13.87
C LEU B 326 -7.40 10.85 13.02
N ALA B 327 -6.21 11.28 13.40
CA ALA B 327 -4.99 10.81 12.75
C ALA B 327 -4.62 9.44 13.30
N GLY B 328 -3.84 8.69 12.51
CA GLY B 328 -3.44 7.37 12.93
C GLY B 328 -3.36 6.32 11.84
N HIS B 329 -3.79 6.65 10.63
CA HIS B 329 -3.72 5.73 9.50
C HIS B 329 -2.52 6.07 8.64
N ASP B 330 -1.87 5.03 8.09
CA ASP B 330 -0.61 5.22 7.32
C ASP B 330 -0.93 5.45 5.83
N ASN B 331 -2.13 5.08 5.39
CA ASN B 331 -2.51 5.26 3.96
C ASN B 331 -3.92 5.86 3.87
N ARG B 332 -4.46 5.95 2.64
CA ARG B 332 -5.70 6.74 2.35
C ARG B 332 -6.90 6.10 3.06
N VAL B 333 -7.64 6.88 3.84
CA VAL B 333 -8.84 6.43 4.53
C VAL B 333 -9.94 6.28 3.48
N SER B 334 -10.35 5.04 3.22
CA SER B 334 -11.26 4.76 2.12
C SER B 334 -12.70 4.52 2.57
N CYS B 335 -12.93 4.20 3.84
CA CYS B 335 -14.25 3.88 4.35
C CYS B 335 -14.39 4.36 5.78
N LEU B 336 -15.63 4.54 6.21
CA LEU B 336 -15.92 5.15 7.51
C LEU B 336 -17.39 4.94 7.84
N GLY B 337 -17.68 4.63 9.10
CA GLY B 337 -19.06 4.32 9.54
C GLY B 337 -19.24 4.51 11.03
N VAL B 338 -20.40 5.02 11.43
CA VAL B 338 -20.75 5.27 12.87
C VAL B 338 -21.86 4.29 13.27
N THR B 339 -21.78 3.76 14.50
CA THR B 339 -22.73 2.74 15.00
C THR B 339 -24.15 3.32 15.09
N ASP B 340 -25.16 2.45 15.10
CA ASP B 340 -26.58 2.89 15.15
C ASP B 340 -26.82 3.64 16.46
N ASP B 341 -26.30 3.11 17.57
CA ASP B 341 -26.42 3.75 18.88
C ASP B 341 -25.41 4.87 19.10
N GLY B 342 -24.51 5.11 18.14
CA GLY B 342 -23.60 6.24 18.24
C GLY B 342 -22.48 6.07 19.22
N MET B 343 -22.17 4.84 19.63
CA MET B 343 -21.10 4.64 20.61
C MET B 343 -19.72 4.84 20.00
N ALA B 344 -19.47 4.33 18.81
CA ALA B 344 -18.13 4.34 18.25
C ALA B 344 -18.18 4.63 16.76
N VAL B 345 -17.03 4.98 16.21
CA VAL B 345 -16.84 5.21 14.78
C VAL B 345 -15.67 4.35 14.31
N ALA B 346 -15.87 3.65 13.19
CA ALA B 346 -14.83 2.76 12.64
C ALA B 346 -14.30 3.36 11.33
N THR B 347 -12.98 3.47 11.22
CA THR B 347 -12.33 3.98 9.98
C THR B 347 -11.42 2.88 9.42
N GLY B 348 -11.63 2.52 8.14
CA GLY B 348 -10.71 1.62 7.43
C GLY B 348 -9.91 2.37 6.38
N SER B 349 -8.80 1.79 5.92
CA SER B 349 -7.83 2.53 5.14
C SER B 349 -7.09 1.59 4.20
N TRP B 350 -6.29 2.19 3.32
CA TRP B 350 -5.52 1.45 2.32
C TRP B 350 -4.33 0.70 2.90
N ASP B 351 -3.98 0.93 4.16
CA ASP B 351 -2.90 0.18 4.80
C ASP B 351 -3.39 -1.10 5.47
N SER B 352 -4.61 -1.53 5.15
CA SER B 352 -5.16 -2.81 5.58
C SER B 352 -5.37 -2.88 7.10
N PHE B 353 -5.92 -1.82 7.68
CA PHE B 353 -6.17 -1.76 9.12
C PHE B 353 -7.51 -1.12 9.40
N LEU B 354 -8.32 -1.77 10.23
CA LEU B 354 -9.52 -1.16 10.79
C LEU B 354 -9.20 -0.56 12.16
N LYS B 355 -9.92 0.50 12.51
CA LYS B 355 -9.70 1.17 13.79
C LYS B 355 -11.03 1.66 14.33
N ILE B 356 -11.41 1.20 15.51
CA ILE B 356 -12.57 1.71 16.23
C ILE B 356 -12.09 2.76 17.22
N TRP B 357 -12.75 3.92 17.22
CA TRP B 357 -12.25 5.09 17.94
C TRP B 357 -13.04 5.36 19.22
N ASN B 358 -14.37 5.50 19.12
CA ASN B 358 -15.21 5.76 20.32
C ASN B 358 -14.70 7.03 21.03
N SER C 8 -32.30 12.50 -30.77
CA SER C 8 -31.81 13.74 -30.14
C SER C 8 -33.00 14.58 -29.67
N ILE C 9 -34.02 14.74 -30.53
CA ILE C 9 -35.24 15.54 -30.19
C ILE C 9 -35.95 14.86 -29.03
N ALA C 10 -36.09 13.52 -29.07
CA ALA C 10 -36.69 12.75 -27.96
C ALA C 10 -35.96 13.05 -26.64
N GLN C 11 -34.62 12.99 -26.66
CA GLN C 11 -33.80 13.25 -25.46
C GLN C 11 -34.06 14.68 -24.97
N ALA C 12 -34.04 15.66 -25.87
CA ALA C 12 -34.27 17.08 -25.52
C ALA C 12 -35.65 17.24 -24.88
N ARG C 13 -36.67 16.58 -25.45
CA ARG C 13 -38.05 16.65 -24.90
C ARG C 13 -38.05 16.10 -23.48
N LYS C 14 -37.48 14.91 -23.28
CA LYS C 14 -37.37 14.28 -21.93
C LYS C 14 -36.79 15.30 -20.94
N LEU C 15 -35.67 15.94 -21.31
CA LEU C 15 -34.99 16.92 -20.41
C LEU C 15 -35.97 18.03 -20.01
N VAL C 16 -36.62 18.66 -21.00
CA VAL C 16 -37.58 19.76 -20.73
C VAL C 16 -38.65 19.27 -19.75
N GLU C 17 -39.26 18.12 -20.04
CA GLU C 17 -40.35 17.56 -19.19
C GLU C 17 -39.86 17.38 -17.75
N GLN C 18 -38.67 16.78 -17.59
CA GLN C 18 -38.08 16.56 -16.24
C GLN C 18 -37.91 17.91 -15.53
N LEU C 19 -37.26 18.87 -16.18
CA LEU C 19 -37.02 20.21 -15.57
C LEU C 19 -38.35 20.83 -15.14
N LYS C 20 -39.41 20.66 -15.95
CA LYS C 20 -40.74 21.24 -15.65
C LYS C 20 -41.25 20.65 -14.33
N MET C 21 -41.20 19.32 -14.19
CA MET C 21 -41.67 18.64 -12.95
C MET C 21 -40.89 19.19 -11.75
N GLU C 22 -39.56 19.29 -11.87
CA GLU C 22 -38.69 19.73 -10.75
C GLU C 22 -38.94 21.21 -10.42
N ALA C 23 -39.38 22.00 -11.41
CA ALA C 23 -39.65 23.44 -11.19
C ALA C 23 -40.98 23.62 -10.46
N ASN C 24 -41.96 22.76 -10.76
CA ASN C 24 -43.34 22.95 -10.21
C ASN C 24 -43.48 22.20 -8.87
N ILE C 25 -42.58 22.49 -7.92
CA ILE C 25 -42.69 21.92 -6.53
C ILE C 25 -42.83 23.07 -5.52
N ASP C 26 -43.21 22.73 -4.29
CA ASP C 26 -43.35 23.73 -3.19
C ASP C 26 -42.06 23.73 -2.36
N ARG C 27 -41.46 24.92 -2.20
CA ARG C 27 -40.22 25.11 -1.42
C ARG C 27 -40.51 26.00 -0.21
N ILE C 28 -40.04 25.59 0.97
CA ILE C 28 -40.18 26.42 2.21
C ILE C 28 -39.02 27.41 2.30
N LYS C 29 -39.04 28.28 3.32
CA LYS C 29 -37.97 29.31 3.48
C LYS C 29 -36.80 28.70 4.24
N VAL C 30 -35.57 29.05 3.83
CA VAL C 30 -34.32 28.48 4.42
C VAL C 30 -34.36 28.70 5.95
N SER C 31 -34.99 29.78 6.40
CA SER C 31 -35.06 30.10 7.85
C SER C 31 -35.72 28.93 8.60
N LYS C 32 -36.91 28.51 8.17
CA LYS C 32 -37.64 27.39 8.82
C LYS C 32 -36.80 26.11 8.76
N ALA C 33 -36.25 25.81 7.58
CA ALA C 33 -35.43 24.60 7.36
C ALA C 33 -34.25 24.58 8.33
N ALA C 34 -33.54 25.71 8.45
CA ALA C 34 -32.36 25.84 9.34
C ALA C 34 -32.78 25.71 10.80
N ALA C 35 -33.98 26.19 11.14
CA ALA C 35 -34.48 26.15 12.53
C ALA C 35 -34.80 24.70 12.94
N ASP C 36 -35.35 23.92 12.02
CA ASP C 36 -35.79 22.52 12.32
C ASP C 36 -34.55 21.62 12.44
N LEU C 37 -33.48 21.95 11.70
CA LEU C 37 -32.20 21.21 11.81
C LEU C 37 -31.59 21.49 13.19
N MET C 38 -31.51 22.77 13.56
CA MET C 38 -30.98 23.21 14.88
C MET C 38 -31.82 22.58 16.00
N ALA C 39 -33.15 22.52 15.83
CA ALA C 39 -34.06 21.99 16.86
C ALA C 39 -33.86 20.49 17.07
N TYR C 40 -33.72 19.71 15.99
CA TYR C 40 -33.43 18.26 16.12
C TYR C 40 -32.07 18.11 16.81
N CYS C 41 -31.06 18.83 16.33
CA CYS C 41 -29.70 18.75 16.92
C CYS C 41 -29.78 19.04 18.42
N GLU C 42 -30.48 20.11 18.82
CA GLU C 42 -30.56 20.47 20.26
C GLU C 42 -31.31 19.39 21.03
N ALA C 43 -32.38 18.85 20.44
CA ALA C 43 -33.30 18.00 21.19
C ALA C 43 -32.68 16.67 21.57
N HIS C 44 -31.79 16.14 20.75
CA HIS C 44 -31.21 14.82 20.97
C HIS C 44 -29.75 14.87 21.42
N ALA C 45 -29.32 15.98 22.01
CA ALA C 45 -27.91 16.13 22.36
C ALA C 45 -27.53 15.24 23.55
N LYS C 46 -28.50 14.84 24.36
CA LYS C 46 -28.18 14.04 25.55
C LYS C 46 -27.91 12.59 25.22
N GLU C 47 -28.36 12.10 24.06
CA GLU C 47 -28.18 10.71 23.67
C GLU C 47 -27.07 10.52 22.64
N ASP C 48 -26.06 11.39 22.64
CA ASP C 48 -24.96 11.31 21.69
C ASP C 48 -23.67 10.95 22.42
N PRO C 49 -23.27 9.68 22.43
CA PRO C 49 -22.03 9.31 23.13
C PRO C 49 -20.79 10.00 22.60
N LEU C 50 -20.71 10.26 21.30
CA LEU C 50 -19.54 10.92 20.74
C LEU C 50 -19.50 12.39 21.14
N LEU C 51 -20.67 13.03 21.25
CA LEU C 51 -20.71 14.46 21.64
C LEU C 51 -20.31 14.60 23.11
N THR C 52 -20.96 13.81 23.98
CA THR C 52 -20.75 13.87 25.45
C THR C 52 -20.02 12.59 25.91
N PRO C 53 -18.68 12.59 26.18
CA PRO C 53 -17.95 11.35 26.46
C PRO C 53 -18.59 10.51 27.57
N VAL C 54 -18.69 9.20 27.34
CA VAL C 54 -19.49 8.28 28.20
C VAL C 54 -18.61 7.80 29.37
N PRO C 55 -19.13 7.78 30.62
CA PRO C 55 -18.45 7.10 31.74
C PRO C 55 -17.84 5.75 31.36
N ALA C 56 -16.60 5.52 31.78
CA ALA C 56 -15.86 4.28 31.44
C ALA C 56 -16.66 3.04 31.87
N SER C 57 -17.51 3.18 32.90
CA SER C 57 -18.34 2.07 33.35
C SER C 57 -19.34 1.66 32.27
N GLU C 58 -19.91 2.63 31.56
CA GLU C 58 -20.89 2.37 30.53
C GLU C 58 -20.28 2.23 29.13
N ASN C 59 -18.96 2.37 29.03
CA ASN C 59 -18.24 2.32 27.73
C ASN C 59 -17.93 0.87 27.38
N PRO C 60 -18.53 0.29 26.31
CA PRO C 60 -18.40 -1.14 26.02
C PRO C 60 -17.12 -1.50 25.24
N PHE C 61 -16.41 -0.49 24.74
CA PHE C 61 -15.20 -0.74 23.90
C PHE C 61 -13.94 -0.54 24.74
N ARG C 62 -14.12 -0.26 26.03
CA ARG C 62 -12.98 -0.25 26.99
C ARG C 62 -13.29 -1.25 28.11
N GLU C 63 -14.42 -1.07 28.80
CA GLU C 63 -14.84 -1.97 29.91
C GLU C 63 -16.19 -2.60 29.56
N TYR D 165 44.85 11.63 32.91
CA TYR D 165 44.92 10.64 31.81
C TYR D 165 43.77 9.64 31.95
N GLN D 166 43.64 9.02 33.13
CA GLN D 166 42.55 8.04 33.38
C GLN D 166 41.21 8.67 33.01
N VAL D 167 40.97 9.91 33.43
CA VAL D 167 39.69 10.62 33.13
C VAL D 167 39.47 10.65 31.61
N ILE D 168 40.42 11.23 30.86
CA ILE D 168 40.28 11.36 29.37
C ILE D 168 39.95 9.99 28.76
N THR D 169 40.78 8.97 29.01
CA THR D 169 40.57 7.63 28.42
C THR D 169 39.17 7.12 28.78
N SER D 170 38.81 7.17 30.07
CA SER D 170 37.49 6.65 30.52
C SER D 170 36.35 7.38 29.82
N LEU D 171 36.51 8.67 29.53
CA LEU D 171 35.45 9.48 28.88
C LEU D 171 35.30 9.04 27.41
N LEU D 172 36.41 9.03 26.65
CA LEU D 172 36.36 8.72 25.20
C LEU D 172 35.80 7.31 24.98
N LEU D 173 36.35 6.31 25.68
CA LEU D 173 35.86 4.91 25.59
C LEU D 173 34.39 4.85 26.03
N GLY D 174 34.03 5.60 27.08
CA GLY D 174 32.63 5.66 27.55
C GLY D 174 31.69 6.19 26.49
N THR D 175 32.08 7.27 25.80
CA THR D 175 31.28 7.84 24.69
C THR D 175 31.07 6.79 23.61
N LEU D 176 32.14 6.10 23.21
CA LEU D 176 32.07 5.03 22.16
C LEU D 176 31.02 4.00 22.57
N ILE D 177 31.08 3.51 23.82
CA ILE D 177 30.12 2.48 24.30
C ILE D 177 28.70 3.05 24.22
N PHE D 178 28.49 4.27 24.74
CA PHE D 178 27.13 4.89 24.77
C PHE D 178 26.56 4.99 23.36
N CYS D 179 27.37 5.47 22.41
CA CYS D 179 26.94 5.63 21.03
C CYS D 179 26.60 4.28 20.41
N ALA D 180 27.45 3.27 20.62
CA ALA D 180 27.20 1.95 20.04
C ALA D 180 25.90 1.36 20.55
N VAL D 181 25.69 1.38 21.86
CA VAL D 181 24.49 0.77 22.43
C VAL D 181 23.25 1.53 21.98
N LEU D 182 23.34 2.85 21.89
CA LEU D 182 22.22 3.68 21.37
C LEU D 182 21.85 3.22 19.96
N GLY D 183 22.78 3.36 19.00
CA GLY D 183 22.53 3.09 17.58
C GLY D 183 21.96 1.70 17.36
N ASN D 184 22.66 0.66 17.84
CA ASN D 184 22.23 -0.74 17.66
C ASN D 184 20.78 -0.90 18.13
N ALA D 185 20.44 -0.37 19.31
CA ALA D 185 19.10 -0.60 19.91
C ALA D 185 18.01 0.05 19.04
N CYS D 186 18.26 1.25 18.53
CA CYS D 186 17.25 1.98 17.70
C CYS D 186 16.87 1.13 16.48
N VAL D 187 17.83 0.45 15.86
CA VAL D 187 17.55 -0.41 14.68
C VAL D 187 16.55 -1.50 15.09
N VAL D 188 16.84 -2.23 16.17
CA VAL D 188 15.96 -3.35 16.64
C VAL D 188 14.55 -2.80 16.89
N ALA D 189 14.46 -1.63 17.53
CA ALA D 189 13.17 -0.96 17.82
C ALA D 189 12.41 -0.72 16.52
N ALA D 190 12.99 0.03 15.59
CA ALA D 190 12.30 0.41 14.33
C ALA D 190 11.70 -0.84 13.66
N ILE D 191 12.46 -1.94 13.59
CA ILE D 191 11.98 -3.18 12.92
C ILE D 191 10.77 -3.72 13.67
N ALA D 192 10.84 -3.78 15.00
CA ALA D 192 9.75 -4.35 15.84
C ALA D 192 8.48 -3.51 15.71
N LEU D 193 8.63 -2.19 15.61
CA LEU D 193 7.47 -1.26 15.51
C LEU D 193 6.87 -1.36 14.10
N GLU D 194 7.57 -0.82 13.09
CA GLU D 194 7.02 -0.66 11.72
C GLU D 194 6.77 -2.03 11.07
N ARG D 195 5.83 -2.08 10.14
CA ARG D 195 5.46 -3.34 9.43
C ARG D 195 6.08 -3.35 8.04
N SER D 196 6.52 -2.18 7.56
CA SER D 196 7.27 -2.07 6.27
C SER D 196 8.62 -2.77 6.38
N LEU D 197 9.18 -2.86 7.59
CA LEU D 197 10.59 -3.26 7.79
C LEU D 197 10.67 -4.72 8.26
N GLN D 198 9.80 -5.60 7.78
CA GLN D 198 9.74 -6.94 8.34
C GLN D 198 9.91 -7.99 7.25
N ASN D 199 10.93 -7.80 6.41
CA ASN D 199 11.31 -8.79 5.41
C ASN D 199 12.63 -9.46 5.80
N VAL D 200 12.98 -10.48 5.01
CA VAL D 200 14.08 -11.43 5.30
C VAL D 200 15.40 -10.65 5.30
N ALA D 201 15.51 -9.67 4.41
CA ALA D 201 16.67 -8.75 4.37
C ALA D 201 16.87 -8.11 5.75
N ASN D 202 15.79 -7.58 6.33
CA ASN D 202 15.88 -6.77 7.58
C ASN D 202 15.80 -7.68 8.81
N TYR D 203 15.62 -8.98 8.61
CA TYR D 203 15.78 -9.97 9.71
C TYR D 203 17.26 -10.34 9.87
N LEU D 204 18.05 -10.16 8.81
CA LEU D 204 19.52 -10.39 8.88
C LEU D 204 20.22 -9.10 9.29
N ILE D 205 19.60 -7.94 9.07
CA ILE D 205 20.18 -6.69 9.59
C ILE D 205 19.85 -6.51 11.07
N GLY D 206 18.63 -6.84 11.47
CA GLY D 206 18.27 -6.74 12.87
C GLY D 206 19.01 -7.74 13.74
N SER D 207 19.24 -8.94 13.24
CA SER D 207 20.06 -9.90 13.97
C SER D 207 21.48 -9.39 14.15
N LEU D 208 22.05 -8.79 13.10
CA LEU D 208 23.38 -8.22 13.23
C LEU D 208 23.40 -7.09 14.26
N ALA D 209 22.34 -6.27 14.27
CA ALA D 209 22.25 -5.20 15.26
C ALA D 209 22.13 -5.76 16.67
N VAL D 210 21.39 -6.85 16.85
CA VAL D 210 21.27 -7.48 18.16
C VAL D 210 22.63 -8.00 18.63
N THR D 211 23.36 -8.64 17.72
CA THR D 211 24.68 -9.25 18.06
C THR D 211 25.66 -8.15 18.45
N ASP D 212 25.58 -6.99 17.79
CA ASP D 212 26.48 -5.85 18.07
C ASP D 212 26.04 -5.08 19.31
N LEU D 213 24.75 -5.16 19.67
CA LEU D 213 24.25 -4.65 20.97
C LEU D 213 24.83 -5.52 22.08
N MET D 214 24.77 -6.84 21.91
CA MET D 214 25.39 -7.74 22.88
C MET D 214 26.87 -7.43 23.06
N VAL D 215 27.57 -7.16 21.96
CA VAL D 215 28.99 -6.76 22.05
C VAL D 215 29.13 -5.50 22.89
N SER D 216 28.24 -4.53 22.68
CA SER D 216 28.39 -3.17 23.25
C SER D 216 28.04 -3.13 24.75
N VAL D 217 27.25 -4.08 25.24
CA VAL D 217 26.71 -4.05 26.63
C VAL D 217 27.55 -4.95 27.54
N LEU D 218 27.98 -6.11 27.03
CA LEU D 218 28.67 -7.13 27.87
C LEU D 218 30.19 -6.92 27.81
N VAL D 219 30.76 -6.89 26.61
CA VAL D 219 32.25 -6.98 26.43
C VAL D 219 32.85 -5.58 26.58
N LEU D 220 32.37 -4.61 25.80
CA LEU D 220 33.03 -3.28 25.67
C LEU D 220 33.25 -2.61 27.03
N PRO D 221 32.27 -2.50 27.96
CA PRO D 221 32.50 -1.85 29.25
C PRO D 221 33.63 -2.47 30.08
N MET D 222 33.69 -3.81 30.13
CA MET D 222 34.71 -4.53 30.94
C MET D 222 36.09 -4.43 30.26
N ALA D 223 36.10 -4.23 28.94
CA ALA D 223 37.35 -4.00 28.20
C ALA D 223 37.85 -2.58 28.47
N ALA D 224 36.93 -1.60 28.58
CA ALA D 224 37.31 -0.26 29.01
C ALA D 224 37.85 -0.27 30.44
N LEU D 225 37.26 -1.08 31.33
CA LEU D 225 37.81 -1.19 32.71
C LEU D 225 39.27 -1.60 32.65
N TYR D 226 39.58 -2.70 31.95
CA TYR D 226 40.94 -3.28 31.87
C TYR D 226 41.92 -2.26 31.27
N GLN D 227 41.44 -1.38 30.38
CA GLN D 227 42.32 -0.37 29.74
C GLN D 227 42.74 0.66 30.80
N VAL D 228 41.78 1.16 31.58
CA VAL D 228 42.03 2.25 32.56
C VAL D 228 42.90 1.71 33.71
N LEU D 229 42.44 0.65 34.37
CA LEU D 229 43.12 0.13 35.59
C LEU D 229 44.38 -0.67 35.22
N ASN D 230 44.51 -1.05 33.94
CA ASN D 230 45.70 -1.77 33.46
C ASN D 230 45.95 -3.06 34.25
N LYS D 231 44.94 -3.52 34.97
CA LYS D 231 45.01 -4.76 35.73
C LYS D 231 43.65 -5.43 35.70
N TRP D 232 43.65 -6.76 35.83
CA TRP D 232 42.40 -7.51 35.88
C TRP D 232 42.08 -7.83 37.34
N THR D 233 41.26 -6.99 37.97
CA THR D 233 40.89 -7.20 39.36
C THR D 233 39.54 -7.91 39.48
N LEU D 234 39.42 -9.09 38.89
CA LEU D 234 38.18 -9.86 38.99
C LEU D 234 38.43 -11.34 39.19
N GLY D 235 39.70 -11.76 39.20
CA GLY D 235 40.04 -13.14 39.41
C GLY D 235 40.23 -13.92 38.12
N GLN D 236 40.83 -15.10 38.25
CA GLN D 236 41.15 -15.91 37.08
C GLN D 236 39.91 -16.52 36.46
N VAL D 237 38.93 -16.90 37.28
CA VAL D 237 37.70 -17.49 36.75
C VAL D 237 36.96 -16.50 35.89
N THR D 238 36.84 -15.25 36.36
CA THR D 238 36.13 -14.20 35.59
C THR D 238 36.87 -13.91 34.29
N CYS D 239 38.21 -13.90 34.33
CA CYS D 239 39.04 -13.68 33.11
C CYS D 239 38.62 -14.68 32.03
N ASP D 240 38.62 -15.98 32.35
CA ASP D 240 38.36 -17.05 31.36
C ASP D 240 36.93 -16.92 30.82
N LEU D 241 36.00 -16.44 31.63
CA LEU D 241 34.59 -16.26 31.19
C LEU D 241 34.52 -15.13 30.16
N PHE D 242 35.13 -13.98 30.44
CA PHE D 242 34.98 -12.79 29.56
C PHE D 242 35.83 -12.95 28.30
N ILE D 243 36.94 -13.71 28.36
CA ILE D 243 37.70 -14.05 27.11
C ILE D 243 36.77 -14.84 26.19
N ALA D 244 36.07 -15.84 26.72
CA ALA D 244 35.23 -16.74 25.90
C ALA D 244 34.01 -15.98 25.38
N LEU D 245 33.58 -14.93 26.10
CA LEU D 245 32.43 -14.10 25.67
C LEU D 245 32.92 -13.02 24.71
N ASP D 246 34.24 -12.80 24.63
CA ASP D 246 34.73 -11.85 23.64
C ASP D 246 34.86 -12.51 22.27
N VAL D 247 35.29 -13.77 22.22
CA VAL D 247 35.47 -14.46 20.95
C VAL D 247 34.15 -14.88 20.32
N LEU D 248 33.09 -15.04 21.11
CA LEU D 248 31.81 -15.49 20.58
C LEU D 248 31.14 -14.41 19.74
N CYS D 249 30.90 -13.24 20.33
CA CYS D 249 30.11 -12.20 19.66
C CYS D 249 30.87 -11.58 18.49
N CYS D 250 32.18 -11.37 18.66
CA CYS D 250 33.00 -10.82 17.60
C CYS D 250 33.08 -11.74 16.39
N THR D 251 33.17 -13.05 16.59
CA THR D 251 33.08 -14.01 15.51
C THR D 251 31.69 -14.10 14.91
N SER D 252 30.65 -13.99 15.73
CA SER D 252 29.26 -14.03 15.22
C SER D 252 28.99 -12.79 14.36
N SER D 253 29.60 -11.66 14.69
CA SER D 253 29.37 -10.39 13.94
C SER D 253 30.02 -10.45 12.55
N ILE D 254 31.12 -11.18 12.39
CA ILE D 254 31.85 -11.28 11.09
C ILE D 254 31.08 -12.23 10.16
N TRP D 255 30.52 -13.32 10.68
CA TRP D 255 29.74 -14.26 9.88
C TRP D 255 28.34 -13.75 9.56
N HIS D 256 27.80 -12.83 10.37
CA HIS D 256 26.57 -12.14 9.97
C HIS D 256 26.80 -11.34 8.69
N LEU D 257 27.99 -10.75 8.55
CA LEU D 257 28.33 -9.90 7.38
C LEU D 257 28.43 -10.73 6.09
N CYS D 258 28.75 -12.03 6.21
CA CYS D 258 28.82 -12.96 5.05
C CYS D 258 27.45 -13.59 4.77
N ALA D 259 26.57 -13.63 5.76
CA ALA D 259 25.20 -14.15 5.57
C ALA D 259 24.36 -13.11 4.83
N ILE D 260 24.65 -11.82 5.03
CA ILE D 260 23.95 -10.73 4.28
C ILE D 260 24.46 -10.72 2.83
N ALA D 261 25.74 -11.04 2.62
CA ALA D 261 26.33 -11.12 1.26
C ALA D 261 25.78 -12.33 0.52
N LEU D 262 25.64 -13.48 1.18
CA LEU D 262 25.11 -14.70 0.56
C LEU D 262 23.61 -14.52 0.29
N ASP D 263 22.92 -13.72 1.11
CA ASP D 263 21.53 -13.43 0.77
C ASP D 263 21.44 -12.48 -0.42
N ARG D 264 22.27 -11.44 -0.44
CA ARG D 264 22.26 -10.53 -1.58
C ARG D 264 22.67 -11.24 -2.86
N TYR D 265 23.70 -12.09 -2.79
CA TYR D 265 24.15 -12.82 -3.98
C TYR D 265 23.05 -13.72 -4.53
N TRP D 266 22.36 -14.45 -3.65
CA TRP D 266 21.27 -15.29 -4.11
C TRP D 266 20.12 -14.47 -4.68
N ALA D 267 19.86 -13.29 -4.12
CA ALA D 267 18.80 -12.45 -4.64
C ALA D 267 19.12 -11.92 -6.04
N ILE D 268 20.35 -11.49 -6.28
CA ILE D 268 20.68 -10.85 -7.55
C ILE D 268 20.69 -11.87 -8.69
N THR D 269 21.37 -13.00 -8.50
CA THR D 269 21.76 -13.89 -9.63
C THR D 269 20.68 -14.94 -9.89
N ASP D 270 19.80 -15.20 -8.94
CA ASP D 270 18.70 -16.20 -9.10
C ASP D 270 17.35 -15.54 -8.78
N PRO D 271 16.65 -14.97 -9.77
CA PRO D 271 15.43 -14.18 -9.51
C PRO D 271 14.15 -15.01 -9.35
N ILE D 272 14.21 -16.32 -9.63
CA ILE D 272 13.03 -17.22 -9.50
C ILE D 272 13.01 -17.82 -8.09
N ASP D 273 14.19 -18.10 -7.52
CA ASP D 273 14.33 -18.47 -6.12
C ASP D 273 13.89 -17.32 -5.22
N TYR D 274 14.21 -16.08 -5.62
CA TYR D 274 13.73 -14.91 -4.89
C TYR D 274 12.22 -14.86 -4.84
N VAL D 275 11.56 -15.24 -5.94
CA VAL D 275 10.11 -15.14 -6.01
C VAL D 275 9.46 -16.23 -5.16
N ASN D 276 9.80 -17.50 -5.43
CA ASN D 276 8.96 -18.63 -4.96
C ASN D 276 9.69 -19.56 -3.98
N LYS D 277 10.80 -19.13 -3.37
CA LYS D 277 11.53 -20.03 -2.43
C LYS D 277 12.10 -19.27 -1.22
N ARG D 278 12.17 -17.94 -1.25
CA ARG D 278 12.84 -17.20 -0.16
C ARG D 278 11.86 -16.99 1.01
N THR D 279 12.19 -17.61 2.16
CA THR D 279 11.37 -17.61 3.35
C THR D 279 12.18 -17.20 4.57
N PRO D 280 11.53 -16.72 5.63
CA PRO D 280 12.29 -16.37 6.86
C PRO D 280 12.99 -17.54 7.51
N ARG D 281 12.50 -18.76 7.24
CA ARG D 281 13.18 -19.99 7.72
C ARG D 281 14.64 -19.95 7.24
N ARG D 282 14.89 -19.41 6.05
CA ARG D 282 16.28 -19.23 5.54
C ARG D 282 17.02 -18.22 6.43
N ALA D 283 16.43 -17.04 6.67
CA ALA D 283 17.03 -16.05 7.58
C ALA D 283 17.42 -16.72 8.90
N ALA D 284 16.47 -17.41 9.55
CA ALA D 284 16.69 -18.07 10.85
C ALA D 284 17.82 -19.09 10.74
N ALA D 285 17.86 -19.89 9.67
CA ALA D 285 18.90 -20.92 9.50
C ALA D 285 20.28 -20.26 9.42
N LEU D 286 20.39 -19.16 8.69
CA LEU D 286 21.69 -18.45 8.52
C LEU D 286 22.13 -17.88 9.88
N ILE D 287 21.23 -17.21 10.60
CA ILE D 287 21.51 -16.61 11.94
C ILE D 287 22.05 -17.69 12.88
N SER D 288 21.46 -18.88 12.86
CA SER D 288 21.89 -19.98 13.78
C SER D 288 23.31 -20.43 13.45
N LEU D 289 23.68 -20.49 12.17
CA LEU D 289 25.03 -20.99 11.76
C LEU D 289 26.11 -19.98 12.17
N THR D 290 25.81 -18.68 12.11
CA THR D 290 26.79 -17.64 12.56
C THR D 290 27.14 -17.88 14.03
N TRP D 291 26.13 -18.05 14.89
CA TRP D 291 26.33 -18.27 16.35
C TRP D 291 26.98 -19.63 16.59
N LEU D 292 26.57 -20.66 15.84
CA LEU D 292 27.16 -22.01 15.98
C LEU D 292 28.68 -21.91 15.78
N ILE D 293 29.11 -21.25 14.71
CA ILE D 293 30.57 -21.14 14.40
C ILE D 293 31.24 -20.33 15.51
N GLY D 294 30.60 -19.27 16.00
CA GLY D 294 31.08 -18.54 17.19
C GLY D 294 31.42 -19.45 18.34
N PHE D 295 30.46 -20.27 18.80
CA PHE D 295 30.70 -21.27 19.86
C PHE D 295 31.83 -22.20 19.45
N LEU D 296 31.73 -22.83 18.28
CA LEU D 296 32.79 -23.76 17.81
C LEU D 296 34.14 -23.05 17.79
N ILE D 297 34.19 -21.72 17.64
CA ILE D 297 35.46 -21.02 17.72
C ILE D 297 35.79 -20.72 19.17
N SER D 298 34.77 -20.40 19.98
CA SER D 298 35.03 -19.93 21.33
C SER D 298 35.23 -21.09 22.33
N ILE D 299 34.58 -22.23 22.12
CA ILE D 299 34.52 -23.27 23.20
C ILE D 299 35.84 -24.07 23.30
N PRO D 300 36.61 -24.41 22.23
CA PRO D 300 37.82 -25.24 22.38
C PRO D 300 38.75 -24.85 23.55
N PRO D 301 39.23 -23.60 23.72
CA PRO D 301 40.30 -23.31 24.69
C PRO D 301 39.90 -23.40 26.17
N MET D 302 38.60 -23.55 26.45
CA MET D 302 38.14 -23.90 27.81
C MET D 302 38.37 -25.40 28.05
N LEU D 303 37.89 -26.24 27.12
CA LEU D 303 38.05 -27.71 27.23
C LEU D 303 39.24 -28.17 26.39
N GLY D 304 40.46 -27.97 26.91
CA GLY D 304 41.70 -28.32 26.17
C GLY D 304 42.28 -27.10 25.48
N TRP D 305 43.08 -27.32 24.42
CA TRP D 305 43.63 -26.24 23.57
C TRP D 305 44.19 -25.10 24.44
N ARG D 306 44.97 -25.44 25.48
CA ARG D 306 45.49 -24.42 26.43
C ARG D 306 46.90 -24.80 26.88
N THR D 307 47.89 -23.97 26.52
CA THR D 307 49.30 -24.15 27.00
C THR D 307 49.34 -24.07 28.53
N PRO D 308 50.06 -24.98 29.22
CA PRO D 308 50.07 -25.00 30.70
C PRO D 308 50.40 -23.64 31.32
N GLU D 309 51.41 -22.95 30.78
CA GLU D 309 51.99 -21.74 31.41
C GLU D 309 51.13 -20.51 31.10
N ASP D 310 50.07 -20.67 30.31
CA ASP D 310 49.25 -19.52 29.83
C ASP D 310 48.61 -18.82 31.03
N ARG D 311 47.94 -19.59 31.90
CA ARG D 311 47.28 -19.03 33.11
C ARG D 311 48.35 -18.79 34.19
N SER D 312 49.11 -17.71 34.07
CA SER D 312 50.21 -17.40 35.01
C SER D 312 49.93 -16.06 35.70
N ASP D 313 50.47 -14.96 35.15
CA ASP D 313 50.40 -13.62 35.80
C ASP D 313 48.94 -13.35 36.23
N PRO D 314 48.64 -13.30 37.54
CA PRO D 314 47.27 -13.00 38.01
C PRO D 314 46.82 -11.58 37.70
N ASP D 315 47.70 -10.72 37.18
CA ASP D 315 47.37 -9.34 36.86
C ASP D 315 47.17 -9.13 35.37
N ALA D 316 46.89 -10.18 34.62
CA ALA D 316 46.72 -10.08 33.18
C ALA D 316 45.57 -10.98 32.73
N CYS D 317 45.04 -10.67 31.55
CA CYS D 317 43.95 -11.46 30.97
C CYS D 317 44.18 -11.47 29.45
N THR D 318 44.78 -12.56 28.96
CA THR D 318 45.14 -12.67 27.55
C THR D 318 44.65 -14.00 27.00
N ILE D 319 44.33 -13.99 25.71
CA ILE D 319 43.87 -15.20 25.02
C ILE D 319 45.05 -16.18 24.90
N SER D 320 44.73 -17.46 24.70
CA SER D 320 45.76 -18.52 24.54
C SER D 320 46.63 -18.24 23.32
N LYS D 321 47.95 -18.47 23.43
CA LYS D 321 48.89 -18.21 22.32
C LYS D 321 49.44 -19.53 21.78
N ASP D 322 48.74 -20.64 22.04
CA ASP D 322 49.04 -21.96 21.43
C ASP D 322 49.14 -21.81 19.92
N HIS D 323 50.22 -22.30 19.31
CA HIS D 323 50.42 -22.17 17.84
C HIS D 323 49.24 -22.75 17.07
N GLY D 324 48.70 -23.88 17.53
CA GLY D 324 47.60 -24.57 16.83
C GLY D 324 46.27 -23.84 16.96
N TYR D 325 45.95 -23.39 18.17
CA TYR D 325 44.74 -22.61 18.43
C TYR D 325 44.80 -21.25 17.76
N THR D 326 45.99 -20.65 17.66
CA THR D 326 46.12 -19.38 16.94
C THR D 326 45.68 -19.54 15.49
N ILE D 327 46.22 -20.56 14.81
CA ILE D 327 45.84 -20.81 13.42
C ILE D 327 44.34 -21.10 13.33
N TYR D 328 43.83 -21.96 14.22
CA TYR D 328 42.43 -22.32 14.21
C TYR D 328 41.54 -21.09 14.33
N SER D 329 41.77 -20.27 15.35
CA SER D 329 40.90 -19.14 15.62
C SER D 329 40.99 -18.10 14.51
N THR D 330 42.21 -17.72 14.11
CA THR D 330 42.34 -16.69 13.09
C THR D 330 41.73 -17.13 11.76
N PHE D 331 42.03 -18.35 11.32
CA PHE D 331 41.55 -18.79 10.02
C PHE D 331 40.06 -19.07 10.02
N GLY D 332 39.52 -19.56 11.12
CA GLY D 332 38.10 -19.79 11.18
C GLY D 332 37.27 -18.58 11.55
N ALA D 333 37.90 -17.47 11.95
CA ALA D 333 37.14 -16.31 12.33
C ALA D 333 37.23 -15.18 11.31
N PHE D 334 38.38 -15.01 10.65
CA PHE D 334 38.50 -13.84 9.78
C PHE D 334 38.89 -14.16 8.35
N TYR D 335 39.82 -15.10 8.14
CA TYR D 335 40.44 -15.24 6.83
C TYR D 335 39.51 -15.92 5.84
N ILE D 336 38.81 -16.95 6.31
CA ILE D 336 37.79 -17.65 5.47
C ILE D 336 36.61 -16.70 5.19
N PRO D 337 35.97 -16.06 6.18
CA PRO D 337 34.99 -15.00 5.90
C PRO D 337 35.44 -13.99 4.83
N LEU D 338 36.65 -13.44 4.96
CA LEU D 338 37.17 -12.41 4.03
C LEU D 338 37.12 -12.92 2.59
N LEU D 339 37.73 -14.09 2.33
CA LEU D 339 37.78 -14.67 0.96
C LEU D 339 36.36 -14.91 0.43
N LEU D 340 35.50 -15.54 1.25
CA LEU D 340 34.09 -15.80 0.85
C LEU D 340 33.44 -14.49 0.38
N MET D 341 33.54 -13.42 1.16
CA MET D 341 32.91 -12.12 0.82
C MET D 341 33.50 -11.55 -0.47
N LEU D 342 34.82 -11.56 -0.62
CA LEU D 342 35.48 -11.06 -1.86
C LEU D 342 34.91 -11.78 -3.09
N VAL D 343 34.89 -13.12 -3.07
CA VAL D 343 34.32 -13.92 -4.19
C VAL D 343 32.88 -13.46 -4.46
N LEU D 344 31.99 -13.55 -3.47
CA LEU D 344 30.54 -13.26 -3.66
C LEU D 344 30.34 -11.82 -4.16
N TYR D 345 31.08 -10.85 -3.63
CA TYR D 345 30.86 -9.43 -3.97
C TYR D 345 31.56 -9.05 -5.27
N GLY D 346 32.56 -9.82 -5.72
CA GLY D 346 33.04 -9.73 -7.09
C GLY D 346 32.03 -10.25 -8.09
N ARG D 347 31.41 -11.39 -7.78
CA ARG D 347 30.36 -11.92 -8.65
C ARG D 347 29.18 -10.96 -8.74
N ILE D 348 28.79 -10.37 -7.61
CA ILE D 348 27.69 -9.40 -7.61
C ILE D 348 28.06 -8.18 -8.45
N PHE D 349 29.33 -7.74 -8.38
CA PHE D 349 29.78 -6.62 -9.18
C PHE D 349 29.68 -6.92 -10.67
N ARG D 350 30.12 -8.11 -11.08
CA ARG D 350 30.04 -8.46 -12.49
C ARG D 350 28.58 -8.52 -12.96
N ALA D 351 27.71 -9.12 -12.15
CA ALA D 351 26.30 -9.18 -12.51
C ALA D 351 25.67 -7.80 -12.61
N ALA D 352 26.02 -6.91 -11.67
CA ALA D 352 25.47 -5.56 -11.68
C ALA D 352 25.92 -4.79 -12.91
N ARG D 353 27.21 -4.92 -13.26
CA ARG D 353 27.76 -4.22 -14.46
C ARG D 353 27.07 -4.76 -15.72
N PHE D 354 26.84 -6.08 -15.79
CA PHE D 354 26.17 -6.66 -16.94
C PHE D 354 24.73 -6.14 -17.07
N ARG D 355 24.02 -6.04 -15.95
CA ARG D 355 22.62 -5.52 -15.97
C ARG D 355 22.64 -4.05 -16.38
N ILE D 356 23.60 -3.27 -15.87
CA ILE D 356 23.62 -1.84 -16.18
C ILE D 356 23.91 -1.59 -17.66
N ARG D 357 24.73 -2.43 -18.27
CA ARG D 357 25.14 -2.19 -19.66
C ARG D 357 24.34 -3.01 -20.65
N LYS D 358 23.05 -3.22 -20.39
CA LYS D 358 22.17 -3.81 -21.40
C LYS D 358 20.89 -2.97 -21.54
N ASN D 455 15.48 12.27 -30.87
CA ASN D 455 15.65 11.60 -29.55
C ASN D 455 17.14 11.35 -29.29
N GLU D 456 18.02 12.12 -29.94
CA GLU D 456 19.48 12.08 -29.65
C GLU D 456 19.70 12.58 -28.20
N ARG D 457 18.97 13.63 -27.80
CA ARG D 457 19.03 14.16 -26.42
C ARG D 457 18.60 13.07 -25.44
N ASN D 458 17.51 12.35 -25.76
CA ASN D 458 17.01 11.23 -24.93
C ASN D 458 18.11 10.16 -24.83
N ALA D 459 18.73 9.80 -25.95
CA ALA D 459 19.80 8.77 -25.97
C ALA D 459 20.97 9.20 -25.09
N GLU D 460 21.34 10.49 -25.12
CA GLU D 460 22.47 11.00 -24.32
C GLU D 460 22.11 10.92 -22.83
N ALA D 461 20.86 11.22 -22.47
CA ALA D 461 20.39 11.10 -21.06
C ALA D 461 20.54 9.66 -20.59
N LYS D 462 20.25 8.69 -21.46
CA LYS D 462 20.40 7.25 -21.11
C LYS D 462 21.87 6.95 -20.82
N ARG D 463 22.77 7.45 -21.68
CA ARG D 463 24.24 7.19 -21.52
C ARG D 463 24.72 7.77 -20.19
N LYS D 464 24.33 9.02 -19.90
CA LYS D 464 24.67 9.67 -18.60
C LYS D 464 24.24 8.77 -17.44
N MET D 465 22.97 8.34 -17.45
CA MET D 465 22.41 7.52 -16.33
C MET D 465 23.26 6.25 -16.17
N ALA D 466 23.56 5.57 -17.27
CA ALA D 466 24.37 4.32 -17.23
C ALA D 466 25.69 4.59 -16.49
N LEU D 467 26.41 5.65 -16.86
CA LEU D 467 27.73 5.96 -16.25
C LEU D 467 27.56 6.19 -14.74
N ALA D 468 26.54 6.96 -14.35
CA ALA D 468 26.31 7.26 -12.91
C ALA D 468 25.97 5.97 -12.14
N ARG D 469 25.32 5.01 -12.79
CA ARG D 469 24.95 3.73 -12.13
C ARG D 469 26.18 2.83 -12.02
N GLU D 470 27.14 2.97 -12.95
CA GLU D 470 28.42 2.23 -12.88
C GLU D 470 29.40 2.93 -11.93
N ARG D 471 28.97 4.03 -11.30
CA ARG D 471 29.77 4.70 -10.24
C ARG D 471 29.18 4.37 -8.87
N LYS D 472 27.86 4.49 -8.71
CA LYS D 472 27.21 4.06 -7.46
C LYS D 472 27.57 2.61 -7.13
N THR D 473 27.68 1.76 -8.15
CA THR D 473 27.97 0.31 -7.93
C THR D 473 29.38 0.12 -7.37
N VAL D 474 30.28 1.07 -7.59
CA VAL D 474 31.68 0.96 -7.10
C VAL D 474 31.78 1.59 -5.70
N LYS D 475 31.20 2.79 -5.53
CA LYS D 475 31.15 3.45 -4.20
C LYS D 475 30.60 2.47 -3.15
N THR D 476 29.41 1.89 -3.39
CA THR D 476 28.77 0.98 -2.41
C THR D 476 29.73 -0.15 -2.05
N LEU D 477 30.24 -0.88 -3.04
CA LEU D 477 31.07 -2.08 -2.74
C LEU D 477 32.42 -1.66 -2.15
N GLY D 478 32.87 -0.44 -2.48
CA GLY D 478 34.03 0.14 -1.84
C GLY D 478 33.78 0.43 -0.37
N ILE D 479 32.64 1.06 -0.06
CA ILE D 479 32.30 1.39 1.32
C ILE D 479 32.27 0.12 2.16
N ILE D 480 31.54 -0.90 1.71
CA ILE D 480 31.36 -2.11 2.49
C ILE D 480 32.70 -2.78 2.77
N MET D 481 33.41 -3.16 1.69
CA MET D 481 34.63 -3.93 1.86
C MET D 481 35.72 -3.12 2.55
N GLY D 482 35.83 -1.83 2.25
CA GLY D 482 36.81 -1.01 2.92
C GLY D 482 36.56 -0.92 4.41
N THR D 483 35.31 -0.71 4.81
CA THR D 483 34.99 -0.67 6.24
C THR D 483 35.38 -1.98 6.91
N PHE D 484 34.95 -3.11 6.33
CA PHE D 484 35.24 -4.39 6.95
C PHE D 484 36.75 -4.63 7.09
N ILE D 485 37.48 -4.48 5.98
CA ILE D 485 38.90 -4.80 5.99
C ILE D 485 39.67 -3.85 6.89
N LEU D 486 39.39 -2.54 6.79
CA LEU D 486 40.11 -1.58 7.61
C LEU D 486 39.82 -1.75 9.09
N CYS D 487 38.61 -2.19 9.45
CA CYS D 487 38.29 -2.42 10.85
C CYS D 487 38.92 -3.69 11.41
N TRP D 488 38.90 -4.80 10.66
CA TRP D 488 39.28 -6.07 11.27
C TRP D 488 40.62 -6.63 10.79
N LEU D 489 41.09 -6.27 9.59
CA LEU D 489 42.33 -6.88 9.09
C LEU D 489 43.55 -6.52 9.93
N PRO D 490 43.78 -5.27 10.33
CA PRO D 490 44.99 -4.96 11.10
C PRO D 490 45.13 -5.77 12.38
N PHE D 491 44.01 -6.08 13.06
CA PHE D 491 44.10 -6.85 14.30
C PHE D 491 44.53 -8.28 14.03
N PHE D 492 43.97 -8.91 12.99
CA PHE D 492 44.17 -10.34 12.80
C PHE D 492 45.52 -10.69 12.17
N ILE D 493 46.21 -9.71 11.58
CA ILE D 493 47.60 -9.94 11.18
C ILE D 493 48.49 -9.99 12.42
N VAL D 494 48.30 -9.06 13.35
CA VAL D 494 49.06 -9.06 14.59
C VAL D 494 48.74 -10.29 15.42
N ALA D 495 47.48 -10.70 15.44
CA ALA D 495 47.07 -11.88 16.19
C ALA D 495 47.60 -13.17 15.61
N LEU D 496 48.15 -13.15 14.39
CA LEU D 496 48.76 -14.31 13.77
C LEU D 496 50.27 -14.28 13.76
N VAL D 497 50.89 -13.11 13.71
CA VAL D 497 52.34 -13.01 13.62
C VAL D 497 53.00 -13.24 14.97
N LEU D 498 52.54 -12.50 16.00
CA LEU D 498 53.20 -12.42 17.33
C LEU D 498 53.30 -13.83 17.94
N PRO D 499 52.21 -14.63 18.06
CA PRO D 499 52.31 -15.96 18.69
C PRO D 499 53.44 -16.83 18.13
N PHE D 500 53.76 -16.70 16.84
CA PHE D 500 54.82 -17.52 16.26
C PHE D 500 56.20 -16.91 16.53
N CYS D 501 56.43 -15.70 16.07
CA CYS D 501 57.71 -15.01 16.28
C CYS D 501 57.66 -14.33 17.64
N GLU D 502 57.98 -15.11 18.69
CA GLU D 502 57.88 -14.63 20.09
C GLU D 502 58.92 -13.53 20.32
N SER D 503 60.20 -13.87 20.22
CA SER D 503 61.26 -12.92 20.51
C SER D 503 61.50 -11.98 19.33
N SER D 504 62.13 -10.85 19.61
CA SER D 504 62.49 -9.79 18.66
C SER D 504 61.27 -9.17 18.01
N CYS D 505 60.07 -9.32 18.61
CA CYS D 505 58.79 -8.85 18.01
C CYS D 505 58.02 -8.05 19.08
N HIS D 506 58.70 -7.23 19.90
CA HIS D 506 58.04 -6.54 20.99
C HIS D 506 56.93 -5.65 20.45
N MET D 507 55.73 -5.79 21.00
CA MET D 507 54.57 -5.05 20.53
C MET D 507 54.37 -3.82 21.40
N PRO D 508 54.46 -2.60 20.85
CA PRO D 508 54.17 -1.41 21.65
C PRO D 508 52.74 -1.46 22.19
N THR D 509 52.59 -1.03 23.44
CA THR D 509 51.28 -1.10 24.09
C THR D 509 50.28 -0.17 23.42
N LEU D 510 50.73 1.03 23.03
CA LEU D 510 49.83 2.00 22.43
C LEU D 510 49.26 1.50 21.11
N LEU D 511 50.11 0.96 20.25
CA LEU D 511 49.66 0.47 18.95
C LEU D 511 48.74 -0.74 19.11
N GLY D 512 49.05 -1.61 20.07
CA GLY D 512 48.17 -2.74 20.34
C GLY D 512 46.80 -2.31 20.80
N ALA D 513 46.74 -1.33 21.70
CA ALA D 513 45.46 -0.80 22.13
C ALA D 513 44.70 -0.17 20.97
N ILE D 514 45.41 0.57 20.10
CA ILE D 514 44.75 1.21 18.98
C ILE D 514 44.14 0.18 18.04
N ILE D 515 44.88 -0.89 17.74
CA ILE D 515 44.36 -1.88 16.81
C ILE D 515 43.20 -2.66 17.45
N ASN D 516 43.28 -2.93 18.76
CA ASN D 516 42.19 -3.62 19.43
C ASN D 516 40.90 -2.80 19.40
N TRP D 517 41.00 -1.51 19.73
CA TRP D 517 39.80 -0.69 19.77
C TRP D 517 39.30 -0.34 18.37
N LEU D 518 40.20 -0.27 17.38
CA LEU D 518 39.77 -0.16 16.00
C LEU D 518 38.98 -1.39 15.58
N GLY D 519 39.38 -2.57 16.05
CA GLY D 519 38.58 -3.76 15.81
C GLY D 519 37.21 -3.70 16.47
N TYR D 520 37.17 -3.20 17.71
CA TYR D 520 35.87 -3.03 18.37
C TYR D 520 34.97 -2.02 17.68
N SER D 521 35.54 -1.01 17.01
CA SER D 521 34.71 0.05 16.41
C SER D 521 33.83 -0.45 15.27
N ASN D 522 34.06 -1.67 14.77
CA ASN D 522 33.21 -2.19 13.70
C ASN D 522 31.78 -2.40 14.18
N SER D 523 31.59 -2.74 15.45
CA SER D 523 30.25 -2.86 16.01
C SER D 523 29.50 -1.54 16.01
N LEU D 524 30.18 -0.42 16.25
CA LEU D 524 29.61 0.90 16.06
C LEU D 524 29.34 1.22 14.59
N LEU D 525 30.25 0.87 13.69
CA LEU D 525 30.12 1.26 12.29
C LEU D 525 29.11 0.44 11.51
N ASN D 526 28.81 -0.79 11.94
CA ASN D 526 27.90 -1.66 11.18
C ASN D 526 26.48 -1.11 11.02
N PRO D 527 25.80 -0.65 12.08
CA PRO D 527 24.44 -0.12 11.86
C PRO D 527 24.40 1.08 10.93
N VAL D 528 25.45 1.91 10.94
CA VAL D 528 25.51 3.04 10.02
C VAL D 528 25.56 2.56 8.57
N ILE D 529 26.39 1.55 8.30
CA ILE D 529 26.57 1.08 6.93
C ILE D 529 25.33 0.35 6.45
N TYR D 530 24.76 -0.52 7.30
CA TYR D 530 23.74 -1.43 6.80
C TYR D 530 22.31 -0.95 7.04
N ALA D 531 22.09 -0.08 8.01
CA ALA D 531 20.73 0.33 8.37
C ALA D 531 20.48 1.81 8.10
N TYR D 532 21.32 2.71 8.60
CA TYR D 532 21.03 4.14 8.53
C TYR D 532 21.16 4.71 7.13
N PHE D 533 21.69 3.96 6.17
CA PHE D 533 21.92 4.49 4.83
C PHE D 533 20.77 4.23 3.85
N ASN D 534 20.09 3.09 3.95
CA ASN D 534 19.00 2.80 3.04
C ASN D 534 17.79 3.68 3.36
N LYS D 535 16.95 3.89 2.35
CA LYS D 535 15.90 4.91 2.45
C LYS D 535 14.77 4.49 3.38
N ASP D 536 14.38 3.21 3.34
CA ASP D 536 13.19 2.78 4.06
C ASP D 536 13.37 2.91 5.58
N PHE D 537 14.56 2.57 6.08
CA PHE D 537 14.83 2.75 7.51
C PHE D 537 14.75 4.22 7.89
N GLN D 538 15.28 5.11 7.02
CA GLN D 538 15.20 6.54 7.29
C GLN D 538 13.75 7.01 7.35
N ASN D 539 12.92 6.52 6.42
CA ASN D 539 11.52 6.90 6.42
C ASN D 539 10.81 6.41 7.68
N ALA D 540 11.11 5.18 8.10
CA ALA D 540 10.51 4.66 9.32
C ALA D 540 10.95 5.48 10.54
N PHE D 541 12.23 5.85 10.60
CA PHE D 541 12.71 6.67 11.70
C PHE D 541 12.03 8.04 11.73
N LYS D 542 11.86 8.65 10.55
CA LYS D 542 11.17 9.93 10.49
C LYS D 542 9.70 9.78 10.92
N LYS D 543 9.06 8.68 10.53
CA LYS D 543 7.68 8.45 10.93
C LYS D 543 7.57 8.29 12.44
N ILE D 544 8.49 7.54 13.04
CA ILE D 544 8.47 7.34 14.50
C ILE D 544 8.78 8.65 15.21
N ILE D 545 9.82 9.34 14.77
CA ILE D 545 10.22 10.61 15.38
C ILE D 545 10.19 11.73 14.34
#